data_6SSF
#
_entry.id   6SSF
#
_cell.length_a   57.920
_cell.length_b   126.760
_cell.length_c   141.160
_cell.angle_alpha   90.000
_cell.angle_beta   90.000
_cell.angle_gamma   90.000
#
_symmetry.space_group_name_H-M   'P 21 21 21'
#
loop_
_entity.id
_entity.type
_entity.pdbx_description
1 polymer ForI-LCS
2 non-polymer 'SULFATE ION'
3 non-polymer '[4-[(~{Z})-[(2~{S},5~{S})-5-(azanyloxymethyl)-3,6-bis(oxidanylidene)piperazin-2-yl]methoxyiminomethyl]-6-methyl-5-oxidanyl-pyridin-3-yl]methyl dihydrogen phosphate'
4 water water
#
_entity_poly.entity_id   1
_entity_poly.type   'polypeptide(L)'
_entity_poly.pdbx_seq_one_letter_code
;AMITEKSAALYARAVEVMPGGNSRTAVYSSPYPVYVRSGSGARVTDVDGVERIDFLNNSTTLIHGHAHPEMVEAIAAAVG
HGTSFGMPTPVEVEYAEALSARNETFEHVRFTSSGTEAVMMAVQAARAYTERPKIAKIAGAYHGAYDAVAVNNDGSGNLI
SHAVTGNPEGVVANTVVIPFNDPEGSLEVLRRHADDLACVLIDPVPWRIGLLPASKEWLDALREFCDASGAVLISDEVGS
YRVGYHGAMQLLGAEADITVMGKVIAAGMPIGAVAGRRRFMSVFDPSKGKPALPHSGSYNANPVSMSSGIASLRLLTPQA
HERIGQLGEQARGSMRTALGEAGLDWEVNGLGSLFRVVANSAPAGYDSAAAAMKALYWKLLENGIHIGDSGLGCISTPMG
EEEIAEYAVAFAKSLGQVLAEGRA
;
_entity_poly.pdbx_strand_id   A,B
#
loop_
_chem_comp.id
_chem_comp.type
_chem_comp.name
_chem_comp.formula
LUH non-polymer '[4-[(~{Z})-[(2~{S},5~{S})-5-(azanyloxymethyl)-3,6-bis(oxidanylidene)piperazin-2-yl]methoxyiminomethyl]-6-methyl-5-oxidanyl-pyridin-3-yl]methyl dihydrogen phosphate' 'C14 H20 N5 O9 P'
SO4 non-polymer 'SULFATE ION' 'O4 S -2'
#
# COMPACT_ATOMS: atom_id res chain seq x y z
N ALA A 1 28.11 -23.27 14.08
CA ALA A 1 29.07 -22.49 13.25
C ALA A 1 28.60 -21.04 13.05
N MET A 2 27.27 -20.81 13.06
CA MET A 2 26.62 -19.56 12.58
C MET A 2 26.68 -18.47 13.65
N ILE A 3 27.26 -17.30 13.31
CA ILE A 3 27.33 -16.09 14.18
C ILE A 3 26.19 -15.15 13.79
N THR A 4 25.35 -14.77 14.76
CA THR A 4 24.19 -13.86 14.54
C THR A 4 24.17 -12.76 15.61
N GLU A 5 25.31 -12.39 16.18
CA GLU A 5 25.37 -11.42 17.32
C GLU A 5 24.87 -10.04 16.87
N LYS A 6 25.17 -9.59 15.65
CA LYS A 6 24.72 -8.27 15.17
C LYS A 6 23.21 -8.31 14.87
N SER A 7 22.67 -9.45 14.44
CA SER A 7 21.20 -9.64 14.30
C SER A 7 20.56 -9.59 15.69
N ALA A 8 21.17 -10.22 16.69
CA ALA A 8 20.66 -10.24 18.08
C ALA A 8 20.62 -8.81 18.63
N ALA A 9 21.66 -8.02 18.36
CA ALA A 9 21.78 -6.62 18.85
C ALA A 9 20.73 -5.75 18.18
N LEU A 10 20.49 -5.94 16.89
CA LEU A 10 19.44 -5.18 16.17
C LEU A 10 18.07 -5.56 16.75
N TYR A 11 17.85 -6.84 17.06
CA TYR A 11 16.56 -7.30 17.63
C TYR A 11 16.36 -6.67 19.02
N ALA A 12 17.40 -6.60 19.84
CA ALA A 12 17.36 -5.98 21.18
C ALA A 12 16.94 -4.51 21.06
N ARG A 13 17.39 -3.81 20.02
CA ARG A 13 16.94 -2.41 19.74
C ARG A 13 15.49 -2.43 19.26
N ALA A 14 15.17 -3.35 18.34
CA ALA A 14 13.85 -3.41 17.66
C ALA A 14 12.72 -3.59 18.68
N VAL A 15 12.90 -4.46 19.68
CA VAL A 15 11.80 -4.79 20.65
C VAL A 15 11.43 -3.54 21.47
N GLU A 16 12.29 -2.52 21.53
CA GLU A 16 11.99 -1.26 22.26
C GLU A 16 11.07 -0.35 21.44
N VAL A 17 11.00 -0.49 20.12
CA VAL A 17 10.32 0.51 19.24
C VAL A 17 9.33 -0.16 18.27
N MET A 18 9.18 -1.49 18.30
CA MET A 18 8.20 -2.24 17.48
C MET A 18 7.61 -3.35 18.34
N PRO A 19 6.35 -3.77 18.07
CA PRO A 19 5.75 -4.87 18.83
C PRO A 19 6.50 -6.18 18.57
N GLY A 20 7.13 -6.72 19.62
CA GLY A 20 8.01 -7.90 19.52
C GLY A 20 9.14 -7.69 18.52
N GLY A 21 9.55 -6.43 18.33
CA GLY A 21 10.65 -6.05 17.41
C GLY A 21 10.32 -6.36 15.96
N ASN A 22 9.04 -6.32 15.58
CA ASN A 22 8.57 -6.80 14.26
C ASN A 22 7.70 -5.74 13.57
N SER A 23 7.85 -5.62 12.25
CA SER A 23 7.01 -4.71 11.40
C SER A 23 6.37 -5.49 10.24
N ARG A 24 6.52 -6.81 10.20
CA ARG A 24 6.05 -7.64 9.08
C ARG A 24 6.06 -9.10 9.56
N THR A 25 4.89 -9.65 9.84
CA THR A 25 4.77 -10.93 10.57
C THR A 25 5.56 -12.02 9.84
N ALA A 26 5.46 -12.06 8.51
CA ALA A 26 5.99 -13.13 7.65
C ALA A 26 7.52 -13.26 7.77
N VAL A 27 8.25 -12.20 8.16
CA VAL A 27 9.74 -12.25 8.21
C VAL A 27 10.23 -12.51 9.65
N TYR A 28 9.34 -12.61 10.62
CA TYR A 28 9.73 -12.90 12.03
C TYR A 28 10.10 -14.39 12.18
N SER A 29 11.17 -14.66 12.93
CA SER A 29 11.55 -16.01 13.42
C SER A 29 11.94 -15.91 14.90
N SER A 30 11.66 -16.97 15.68
CA SER A 30 12.05 -17.09 17.11
C SER A 30 13.47 -17.65 17.20
N PRO A 31 14.34 -17.15 18.11
CA PRO A 31 14.02 -16.03 19.00
C PRO A 31 14.11 -14.67 18.31
N TYR A 32 14.83 -14.58 17.20
CA TYR A 32 14.91 -13.37 16.34
C TYR A 32 15.25 -13.82 14.93
N PRO A 33 14.83 -13.05 13.90
CA PRO A 33 15.25 -13.32 12.53
C PRO A 33 16.67 -12.81 12.27
N VAL A 34 17.30 -13.34 11.22
CA VAL A 34 18.55 -12.80 10.65
C VAL A 34 18.22 -11.47 9.96
N TYR A 35 18.95 -10.42 10.32
CA TYR A 35 18.89 -9.08 9.68
C TYR A 35 19.91 -9.06 8.55
N VAL A 36 19.56 -8.39 7.45
CA VAL A 36 20.42 -8.33 6.23
C VAL A 36 20.71 -6.86 5.92
N ARG A 37 21.85 -6.60 5.30
CA ARG A 37 22.28 -5.20 5.03
C ARG A 37 22.31 -4.92 3.53
N SER A 38 22.58 -5.92 2.67
CA SER A 38 22.76 -5.68 1.22
CA SER A 38 22.73 -5.67 1.22
C SER A 38 22.49 -6.97 0.42
N GLY A 39 22.12 -6.80 -0.85
CA GLY A 39 21.97 -7.88 -1.83
C GLY A 39 22.64 -7.49 -3.13
N SER A 40 23.24 -8.47 -3.79
CA SER A 40 23.88 -8.29 -5.11
C SER A 40 23.63 -9.57 -5.94
N GLY A 41 22.94 -9.44 -7.07
CA GLY A 41 22.56 -10.60 -7.90
C GLY A 41 21.71 -11.57 -7.11
N ALA A 42 22.16 -12.82 -6.95
CA ALA A 42 21.40 -13.89 -6.27
C ALA A 42 21.81 -13.97 -4.79
N ARG A 43 22.66 -13.08 -4.30
CA ARG A 43 23.28 -13.26 -2.95
C ARG A 43 22.92 -12.10 -2.02
N VAL A 44 22.71 -12.44 -0.76
CA VAL A 44 22.36 -11.46 0.32
C VAL A 44 23.42 -11.58 1.42
N THR A 45 23.91 -10.44 1.88
CA THR A 45 24.90 -10.35 2.98
C THR A 45 24.19 -9.90 4.23
N ASP A 46 24.26 -10.72 5.29
CA ASP A 46 23.58 -10.41 6.57
C ASP A 46 24.44 -9.39 7.34
N VAL A 47 23.92 -8.91 8.46
CA VAL A 47 24.54 -7.81 9.25
C VAL A 47 25.82 -8.32 9.94
N ASP A 48 25.99 -9.64 10.03
CA ASP A 48 27.20 -10.30 10.57
C ASP A 48 28.21 -10.57 9.44
N GLY A 49 27.94 -10.08 8.23
CA GLY A 49 28.86 -10.15 7.07
C GLY A 49 28.83 -11.48 6.35
N VAL A 50 27.83 -12.32 6.59
CA VAL A 50 27.74 -13.68 5.97
C VAL A 50 26.93 -13.58 4.67
N GLU A 51 27.54 -13.91 3.54
CA GLU A 51 26.85 -13.94 2.22
C GLU A 51 26.21 -15.32 2.01
N ARG A 52 24.95 -15.33 1.59
CA ARG A 52 24.16 -16.55 1.29
C ARG A 52 23.48 -16.38 -0.06
N ILE A 53 23.13 -17.49 -0.71
CA ILE A 53 22.28 -17.45 -1.94
C ILE A 53 20.84 -17.31 -1.49
N ASP A 54 20.14 -16.33 -2.06
CA ASP A 54 18.73 -16.04 -1.72
C ASP A 54 17.83 -16.84 -2.67
N PHE A 55 17.13 -17.85 -2.13
CA PHE A 55 16.13 -18.65 -2.88
C PHE A 55 14.70 -18.31 -2.44
N LEU A 56 14.45 -17.16 -1.83
N LEU A 56 14.52 -17.18 -1.76
CA LEU A 56 13.04 -16.71 -1.66
CA LEU A 56 13.20 -16.64 -1.32
C LEU A 56 12.83 -15.28 -2.14
C LEU A 56 12.89 -15.35 -2.10
N ASN A 57 13.85 -14.42 -2.15
CA ASN A 57 13.82 -13.22 -3.04
C ASN A 57 12.66 -12.30 -2.68
N ASN A 58 12.61 -11.89 -1.42
CA ASN A 58 11.50 -11.11 -0.83
C ASN A 58 10.16 -11.76 -1.23
N SER A 59 9.95 -13.01 -0.82
CA SER A 59 8.68 -13.74 -1.01
C SER A 59 8.27 -13.70 -2.50
N THR A 60 9.25 -13.95 -3.37
CA THR A 60 9.11 -14.15 -4.84
C THR A 60 8.96 -12.81 -5.57
N THR A 61 9.19 -11.68 -4.90
CA THR A 61 9.18 -10.34 -5.55
C THR A 61 10.35 -10.20 -6.52
N LEU A 62 11.57 -10.58 -6.10
CA LEU A 62 12.81 -10.17 -6.81
C LEU A 62 13.14 -11.16 -7.93
N ILE A 63 12.33 -11.16 -8.99
CA ILE A 63 12.54 -12.09 -10.14
C ILE A 63 13.90 -11.82 -10.79
N HIS A 64 14.40 -10.57 -10.73
CA HIS A 64 15.70 -10.17 -11.30
C HIS A 64 16.77 -10.12 -10.21
N GLY A 65 16.51 -10.73 -9.06
CA GLY A 65 17.42 -10.73 -7.91
C GLY A 65 17.65 -9.33 -7.37
N HIS A 66 18.79 -9.15 -6.70
CA HIS A 66 19.08 -7.99 -5.84
C HIS A 66 19.86 -6.94 -6.63
N ALA A 67 19.38 -5.70 -6.61
CA ALA A 67 20.10 -4.54 -7.16
C ALA A 67 20.59 -4.85 -8.56
N HIS A 68 19.72 -5.38 -9.42
CA HIS A 68 20.04 -5.62 -10.85
C HIS A 68 20.49 -4.29 -11.43
N PRO A 69 21.68 -4.20 -12.07
CA PRO A 69 22.22 -2.93 -12.52
C PRO A 69 21.25 -2.12 -13.40
N GLU A 70 20.48 -2.80 -14.27
CA GLU A 70 19.55 -2.11 -15.21
C GLU A 70 18.35 -1.60 -14.41
N MET A 71 17.92 -2.31 -13.37
CA MET A 71 16.84 -1.86 -12.45
CA MET A 71 16.83 -1.81 -12.51
C MET A 71 17.33 -0.64 -11.67
N VAL A 72 18.52 -0.77 -11.08
CA VAL A 72 19.13 0.30 -10.24
C VAL A 72 19.27 1.58 -11.06
N GLU A 73 19.75 1.48 -12.30
CA GLU A 73 19.94 2.66 -13.20
C GLU A 73 18.58 3.34 -13.42
N ALA A 74 17.55 2.58 -13.77
CA ALA A 74 16.21 3.10 -14.10
C ALA A 74 15.58 3.73 -12.86
N ILE A 75 15.69 3.08 -11.70
CA ILE A 75 15.08 3.56 -10.43
C ILE A 75 15.82 4.82 -9.97
N ALA A 76 17.14 4.81 -9.93
CA ALA A 76 17.94 5.97 -9.48
C ALA A 76 17.64 7.18 -10.39
N ALA A 77 17.51 6.98 -11.70
CA ALA A 77 17.23 8.07 -12.66
C ALA A 77 15.85 8.66 -12.31
N ALA A 78 14.84 7.83 -12.08
CA ALA A 78 13.48 8.28 -11.71
C ALA A 78 13.54 9.09 -10.40
N VAL A 79 14.25 8.57 -9.39
CA VAL A 79 14.38 9.24 -8.06
C VAL A 79 14.94 10.65 -8.27
N GLY A 80 15.93 10.80 -9.16
CA GLY A 80 16.60 12.08 -9.43
C GLY A 80 15.64 13.13 -10.00
N HIS A 81 14.58 12.70 -10.68
CA HIS A 81 13.57 13.59 -11.33
C HIS A 81 12.40 13.88 -10.38
N GLY A 82 12.30 13.18 -9.25
CA GLY A 82 11.19 13.36 -8.29
C GLY A 82 10.52 12.04 -7.98
N THR A 83 10.34 11.72 -6.71
CA THR A 83 9.89 10.38 -6.26
C THR A 83 8.38 10.24 -6.46
N SER A 84 7.61 11.30 -6.23
CA SER A 84 6.13 11.28 -6.41
C SER A 84 5.62 12.70 -6.63
N PHE A 85 4.49 12.80 -7.32
CA PHE A 85 3.88 14.06 -7.78
C PHE A 85 2.37 14.00 -7.58
N GLY A 86 1.74 15.16 -7.42
CA GLY A 86 0.28 15.31 -7.42
C GLY A 86 -0.29 15.45 -8.82
N MET A 87 0.44 14.97 -9.83
CA MET A 87 0.08 15.03 -11.27
C MET A 87 0.56 13.74 -11.92
N PRO A 88 -0.14 13.22 -12.95
CA PRO A 88 0.32 12.03 -13.65
C PRO A 88 1.62 12.33 -14.43
N THR A 89 2.35 11.28 -14.78
CA THR A 89 3.67 11.38 -15.45
C THR A 89 3.67 10.53 -16.72
N PRO A 90 4.59 10.80 -17.65
CA PRO A 90 4.75 9.95 -18.83
C PRO A 90 4.94 8.47 -18.49
N VAL A 91 5.70 8.15 -17.45
CA VAL A 91 6.09 6.74 -17.17
C VAL A 91 4.88 5.92 -16.72
N GLU A 92 3.85 6.53 -16.12
CA GLU A 92 2.62 5.76 -15.75
C GLU A 92 1.95 5.27 -17.04
N VAL A 93 1.95 6.10 -18.09
CA VAL A 93 1.33 5.74 -19.40
C VAL A 93 2.17 4.63 -20.04
N GLU A 94 3.50 4.81 -20.07
N GLU A 94 3.50 4.82 -20.07
CA GLU A 94 4.45 3.84 -20.67
CA GLU A 94 4.46 3.84 -20.66
C GLU A 94 4.30 2.50 -19.95
C GLU A 94 4.30 2.50 -19.95
N TYR A 95 4.22 2.51 -18.61
CA TYR A 95 4.14 1.27 -17.82
C TYR A 95 2.77 0.60 -18.02
N ALA A 96 1.67 1.36 -18.04
CA ALA A 96 0.32 0.80 -18.32
C ALA A 96 0.33 0.13 -19.70
N GLU A 97 0.98 0.74 -20.69
CA GLU A 97 1.07 0.16 -22.06
C GLU A 97 1.85 -1.16 -22.00
N ALA A 98 2.98 -1.19 -21.29
CA ALA A 98 3.83 -2.39 -21.16
C ALA A 98 3.07 -3.50 -20.44
N LEU A 99 2.37 -3.20 -19.35
CA LEU A 99 1.66 -4.24 -18.56
C LEU A 99 0.44 -4.74 -19.35
N SER A 100 -0.32 -3.83 -19.95
CA SER A 100 -1.52 -4.18 -20.76
C SER A 100 -1.13 -5.18 -21.85
N ALA A 101 0.07 -5.04 -22.42
CA ALA A 101 0.56 -5.87 -23.54
C ALA A 101 0.79 -7.32 -23.11
N ARG A 102 0.85 -7.62 -21.81
CA ARG A 102 1.25 -8.97 -21.32
C ARG A 102 0.10 -9.98 -21.46
N ASN A 103 -1.15 -9.53 -21.58
CA ASN A 103 -2.31 -10.46 -21.58
C ASN A 103 -3.51 -9.76 -22.25
N GLU A 104 -4.23 -10.50 -23.10
CA GLU A 104 -5.45 -10.03 -23.82
C GLU A 104 -6.43 -9.37 -22.86
N THR A 105 -6.57 -9.89 -21.64
CA THR A 105 -7.63 -9.47 -20.68
C THR A 105 -7.24 -8.19 -19.95
N PHE A 106 -5.97 -7.75 -20.01
CA PHE A 106 -5.48 -6.57 -19.27
C PHE A 106 -5.79 -5.28 -20.06
N GLU A 107 -7.05 -5.09 -20.46
CA GLU A 107 -7.45 -3.98 -21.36
C GLU A 107 -7.19 -2.64 -20.67
N HIS A 108 -7.64 -2.51 -19.42
CA HIS A 108 -7.41 -1.30 -18.58
C HIS A 108 -6.74 -1.72 -17.28
N VAL A 109 -5.78 -0.91 -16.84
CA VAL A 109 -5.00 -1.17 -15.60
C VAL A 109 -5.14 0.03 -14.68
N ARG A 110 -5.02 -0.23 -13.39
CA ARG A 110 -4.98 0.76 -12.28
CA ARG A 110 -4.85 0.84 -12.37
C ARG A 110 -3.83 0.36 -11.35
N PHE A 111 -3.00 1.29 -10.93
CA PHE A 111 -1.85 1.01 -10.03
C PHE A 111 -2.18 1.40 -8.60
N THR A 112 -1.69 0.57 -7.68
CA THR A 112 -1.74 0.75 -6.22
C THR A 112 -0.31 0.67 -5.68
N SER A 113 -0.15 0.81 -4.37
CA SER A 113 1.19 0.75 -3.73
C SER A 113 1.49 -0.65 -3.18
N SER A 114 0.57 -1.60 -3.30
CA SER A 114 0.77 -2.98 -2.78
C SER A 114 -0.23 -3.94 -3.42
N GLY A 115 0.10 -5.23 -3.41
CA GLY A 115 -0.86 -6.30 -3.75
C GLY A 115 -2.06 -6.26 -2.82
N THR A 116 -1.84 -5.94 -1.54
CA THR A 116 -2.89 -5.86 -0.50
C THR A 116 -3.95 -4.83 -0.95
N GLU A 117 -3.50 -3.63 -1.34
CA GLU A 117 -4.40 -2.57 -1.84
C GLU A 117 -5.08 -3.05 -3.13
N ALA A 118 -4.33 -3.69 -4.04
CA ALA A 118 -4.86 -4.09 -5.36
C ALA A 118 -5.99 -5.10 -5.18
N VAL A 119 -5.79 -6.11 -4.31
N VAL A 119 -5.83 -6.10 -4.31
CA VAL A 119 -6.83 -7.12 -3.98
CA VAL A 119 -6.92 -7.12 -4.11
C VAL A 119 -8.07 -6.37 -3.50
C VAL A 119 -8.11 -6.40 -3.47
N MET A 120 -7.87 -5.47 -2.53
CA MET A 120 -8.98 -4.70 -1.90
C MET A 120 -9.73 -3.94 -3.00
N MET A 121 -9.02 -3.26 -3.90
CA MET A 121 -9.69 -2.43 -4.92
C MET A 121 -10.36 -3.32 -5.98
N ALA A 122 -9.83 -4.51 -6.27
CA ALA A 122 -10.47 -5.45 -7.21
C ALA A 122 -11.82 -5.93 -6.62
N VAL A 123 -11.83 -6.27 -5.33
CA VAL A 123 -13.07 -6.69 -4.61
C VAL A 123 -14.05 -5.51 -4.61
N GLN A 124 -13.58 -4.31 -4.26
CA GLN A 124 -14.45 -3.12 -4.25
C GLN A 124 -15.01 -2.87 -5.65
N ALA A 125 -14.20 -3.09 -6.69
CA ALA A 125 -14.62 -2.90 -8.11
C ALA A 125 -15.74 -3.87 -8.43
N ALA A 126 -15.59 -5.15 -8.05
CA ALA A 126 -16.62 -6.19 -8.33
C ALA A 126 -17.92 -5.81 -7.61
N ARG A 127 -17.83 -5.37 -6.35
CA ARG A 127 -19.01 -4.96 -5.55
C ARG A 127 -19.67 -3.73 -6.18
N ALA A 128 -18.89 -2.74 -6.63
CA ALA A 128 -19.43 -1.53 -7.30
C ALA A 128 -20.10 -1.92 -8.62
N TYR A 129 -19.47 -2.82 -9.38
CA TYR A 129 -19.93 -3.21 -10.74
C TYR A 129 -21.25 -3.99 -10.64
N THR A 130 -21.35 -4.92 -9.69
CA THR A 130 -22.52 -5.84 -9.55
C THR A 130 -23.56 -5.29 -8.58
N GLU A 131 -23.14 -4.43 -7.64
CA GLU A 131 -23.97 -3.95 -6.49
C GLU A 131 -24.47 -5.18 -5.71
N ARG A 132 -23.62 -6.20 -5.57
CA ARG A 132 -23.88 -7.40 -4.74
C ARG A 132 -22.85 -7.46 -3.63
N PRO A 133 -23.23 -7.96 -2.42
CA PRO A 133 -22.35 -7.92 -1.25
C PRO A 133 -21.31 -9.04 -1.12
N LYS A 134 -21.62 -10.26 -1.56
CA LYS A 134 -20.81 -11.44 -1.17
C LYS A 134 -19.62 -11.63 -2.10
N ILE A 135 -18.52 -12.14 -1.55
CA ILE A 135 -17.35 -12.63 -2.32
C ILE A 135 -17.16 -14.10 -1.95
N ALA A 136 -16.70 -14.89 -2.92
CA ALA A 136 -16.24 -16.28 -2.70
C ALA A 136 -14.73 -16.30 -2.85
N LYS A 137 -14.04 -16.99 -1.95
CA LYS A 137 -12.57 -17.21 -2.05
C LYS A 137 -12.26 -18.67 -1.76
N ILE A 138 -11.03 -19.06 -2.01
CA ILE A 138 -10.54 -20.44 -1.76
C ILE A 138 -10.32 -20.65 -0.26
N ALA A 139 -10.75 -21.78 0.28
CA ALA A 139 -10.43 -22.22 1.65
C ALA A 139 -8.91 -22.35 1.79
N GLY A 140 -8.32 -21.53 2.65
CA GLY A 140 -6.91 -21.61 3.05
C GLY A 140 -6.02 -20.61 2.33
N ALA A 141 -6.48 -20.03 1.21
CA ALA A 141 -5.64 -19.16 0.35
C ALA A 141 -5.47 -17.78 1.00
N TYR A 142 -4.26 -17.23 0.93
CA TYR A 142 -3.88 -15.91 1.50
C TYR A 142 -3.92 -14.83 0.41
N HIS A 143 -4.49 -13.67 0.73
CA HIS A 143 -4.64 -12.53 -0.22
C HIS A 143 -4.29 -11.20 0.45
N GLY A 144 -3.57 -11.22 1.57
CA GLY A 144 -3.20 -10.00 2.30
C GLY A 144 -4.16 -9.69 3.42
N ALA A 145 -3.98 -8.55 4.07
CA ALA A 145 -4.61 -8.24 5.37
C ALA A 145 -6.00 -7.60 5.20
N TYR A 146 -6.42 -7.21 4.00
CA TYR A 146 -7.76 -6.60 3.80
C TYR A 146 -8.83 -7.50 4.43
N ASP A 147 -9.69 -6.96 5.29
N ASP A 147 -9.64 -6.90 5.31
CA ASP A 147 -10.52 -7.78 6.20
CA ASP A 147 -10.70 -7.54 6.15
C ASP A 147 -11.50 -8.69 5.42
C ASP A 147 -11.41 -8.66 5.37
N ALA A 148 -11.98 -8.31 4.22
CA ALA A 148 -12.91 -9.18 3.45
C ALA A 148 -12.19 -10.44 2.95
N VAL A 149 -10.87 -10.40 2.78
CA VAL A 149 -10.10 -11.56 2.25
C VAL A 149 -9.22 -12.19 3.33
N ALA A 150 -9.17 -11.61 4.54
CA ALA A 150 -8.39 -12.14 5.69
C ALA A 150 -9.27 -13.14 6.45
N VAL A 151 -9.89 -14.03 5.68
CA VAL A 151 -10.91 -15.04 6.11
C VAL A 151 -10.42 -16.39 5.55
N ASN A 152 -10.30 -17.41 6.40
CA ASN A 152 -9.88 -18.77 5.96
C ASN A 152 -8.63 -18.64 5.09
N ASN A 153 -7.58 -17.99 5.62
CA ASN A 153 -6.41 -17.55 4.83
C ASN A 153 -5.13 -18.13 5.42
N ASP A 154 -5.27 -19.26 6.13
CA ASP A 154 -4.28 -19.86 7.06
C ASP A 154 -3.87 -21.26 6.59
N GLY A 155 -4.22 -21.66 5.36
CA GLY A 155 -3.83 -22.95 4.76
C GLY A 155 -4.77 -24.09 5.11
N SER A 156 -5.79 -23.86 5.94
CA SER A 156 -6.80 -24.90 6.28
C SER A 156 -7.71 -25.17 5.08
N GLY A 157 -8.10 -26.43 4.88
CA GLY A 157 -9.06 -26.84 3.84
C GLY A 157 -10.50 -26.78 4.32
N ASN A 158 -10.75 -26.47 5.60
CA ASN A 158 -12.12 -26.42 6.17
C ASN A 158 -12.86 -25.22 5.58
N LEU A 159 -14.17 -25.36 5.37
CA LEU A 159 -15.04 -24.31 4.77
C LEU A 159 -15.69 -23.46 5.88
N ILE A 160 -15.54 -23.86 7.15
CA ILE A 160 -16.11 -23.12 8.31
C ILE A 160 -15.44 -21.76 8.39
N SER A 161 -16.22 -20.68 8.50
CA SER A 161 -15.71 -19.29 8.65
C SER A 161 -14.69 -19.24 9.79
N HIS A 162 -13.48 -18.76 9.50
CA HIS A 162 -12.38 -18.54 10.47
C HIS A 162 -11.65 -17.25 10.07
N ALA A 163 -11.67 -16.25 10.93
CA ALA A 163 -11.13 -14.90 10.62
C ALA A 163 -10.21 -14.43 11.74
N VAL A 164 -9.50 -13.33 11.50
CA VAL A 164 -8.62 -12.66 12.50
C VAL A 164 -9.49 -12.19 13.67
N THR A 165 -8.98 -12.25 14.90
CA THR A 165 -9.60 -11.67 16.11
C THR A 165 -10.04 -10.25 15.78
N GLY A 166 -11.31 -9.91 16.03
CA GLY A 166 -11.83 -8.55 15.86
C GLY A 166 -12.50 -8.34 14.51
N ASN A 167 -12.23 -9.16 13.49
CA ASN A 167 -12.90 -9.03 12.17
C ASN A 167 -14.39 -9.25 12.39
N PRO A 168 -15.25 -8.22 12.23
CA PRO A 168 -16.67 -8.34 12.57
C PRO A 168 -17.44 -9.34 11.70
N GLU A 169 -18.50 -9.93 12.28
N GLU A 169 -18.52 -9.92 12.23
CA GLU A 169 -19.50 -10.77 11.57
CA GLU A 169 -19.38 -10.84 11.45
C GLU A 169 -19.92 -10.05 10.28
C GLU A 169 -20.01 -10.07 10.27
N GLY A 170 -20.13 -8.74 10.37
CA GLY A 170 -20.57 -7.89 9.24
C GLY A 170 -19.69 -8.06 8.02
N VAL A 171 -18.39 -8.24 8.23
CA VAL A 171 -17.42 -8.54 7.13
C VAL A 171 -17.47 -10.04 6.83
N VAL A 172 -17.26 -10.87 7.86
CA VAL A 172 -16.98 -12.32 7.70
C VAL A 172 -18.18 -13.00 7.01
N ALA A 173 -19.41 -12.60 7.34
CA ALA A 173 -20.65 -13.21 6.78
C ALA A 173 -20.74 -13.01 5.26
N ASN A 174 -20.05 -12.01 4.70
CA ASN A 174 -20.14 -11.70 3.24
C ASN A 174 -18.97 -12.34 2.48
N THR A 175 -18.10 -13.10 3.15
CA THR A 175 -17.04 -13.89 2.47
C THR A 175 -17.34 -15.37 2.65
N VAL A 176 -17.64 -16.06 1.56
CA VAL A 176 -17.92 -17.52 1.57
C VAL A 176 -16.70 -18.22 0.98
N VAL A 177 -16.53 -19.49 1.31
CA VAL A 177 -15.27 -20.20 0.92
CA VAL A 177 -15.29 -20.28 1.08
C VAL A 177 -15.61 -21.49 0.18
N ILE A 178 -14.78 -21.77 -0.82
CA ILE A 178 -14.94 -22.93 -1.74
C ILE A 178 -13.68 -23.79 -1.64
N PRO A 179 -13.84 -25.11 -1.82
CA PRO A 179 -12.72 -26.04 -1.80
C PRO A 179 -11.93 -26.01 -3.12
N PHE A 180 -10.62 -25.75 -3.02
CA PHE A 180 -9.71 -25.68 -4.17
C PHE A 180 -9.76 -26.99 -4.96
N ASN A 181 -9.94 -26.88 -6.28
CA ASN A 181 -9.85 -27.98 -7.27
C ASN A 181 -10.95 -29.02 -7.03
N ASP A 182 -12.06 -28.63 -6.37
CA ASP A 182 -13.26 -29.48 -6.20
C ASP A 182 -14.40 -28.78 -6.93
N PRO A 183 -14.64 -29.08 -8.22
CA PRO A 183 -15.65 -28.37 -9.01
C PRO A 183 -17.07 -28.49 -8.42
N GLU A 184 -17.53 -29.71 -8.12
CA GLU A 184 -18.92 -29.91 -7.63
C GLU A 184 -19.06 -29.28 -6.23
N GLY A 185 -18.07 -29.49 -5.34
CA GLY A 185 -18.04 -28.88 -3.99
C GLY A 185 -18.06 -27.36 -4.05
N SER A 186 -17.34 -26.79 -5.01
CA SER A 186 -17.29 -25.32 -5.26
C SER A 186 -18.65 -24.85 -5.79
N LEU A 187 -19.21 -25.53 -6.78
CA LEU A 187 -20.51 -25.11 -7.40
C LEU A 187 -21.63 -25.18 -6.36
N GLU A 188 -21.60 -26.15 -5.43
CA GLU A 188 -22.63 -26.26 -4.36
C GLU A 188 -22.68 -24.93 -3.60
N VAL A 189 -21.52 -24.42 -3.18
CA VAL A 189 -21.41 -23.17 -2.38
C VAL A 189 -21.83 -21.98 -3.25
N LEU A 190 -21.29 -21.90 -4.47
CA LEU A 190 -21.48 -20.75 -5.37
C LEU A 190 -22.97 -20.62 -5.74
N ARG A 191 -23.62 -21.74 -6.07
N ARG A 191 -23.60 -21.74 -6.11
CA ARG A 191 -25.05 -21.75 -6.50
CA ARG A 191 -25.04 -21.79 -6.49
C ARG A 191 -25.95 -21.36 -5.33
C ARG A 191 -25.90 -21.28 -5.33
N ARG A 192 -25.53 -21.64 -4.09
CA ARG A 192 -26.26 -21.23 -2.86
C ARG A 192 -26.28 -19.70 -2.71
N HIS A 193 -25.23 -19.02 -3.20
CA HIS A 193 -25.03 -17.56 -2.99
C HIS A 193 -25.12 -16.78 -4.32
N ALA A 194 -25.51 -17.43 -5.42
CA ALA A 194 -25.40 -16.90 -6.81
C ALA A 194 -25.99 -15.49 -6.91
N ASP A 195 -27.17 -15.26 -6.34
CA ASP A 195 -27.92 -13.98 -6.46
C ASP A 195 -27.14 -12.84 -5.79
N ASP A 196 -26.28 -13.16 -4.82
CA ASP A 196 -25.65 -12.15 -3.92
C ASP A 196 -24.13 -12.10 -4.14
N LEU A 197 -23.59 -12.81 -5.12
CA LEU A 197 -22.12 -12.94 -5.30
C LEU A 197 -21.62 -11.85 -6.26
N ALA A 198 -20.83 -10.92 -5.74
CA ALA A 198 -20.13 -9.88 -6.54
C ALA A 198 -19.00 -10.52 -7.35
N CYS A 199 -18.29 -11.48 -6.75
CA CYS A 199 -17.06 -12.02 -7.37
C CYS A 199 -16.69 -13.38 -6.79
N VAL A 200 -15.96 -14.12 -7.61
CA VAL A 200 -15.22 -15.34 -7.20
C VAL A 200 -13.74 -14.96 -7.29
N LEU A 201 -13.09 -14.87 -6.13
CA LEU A 201 -11.67 -14.48 -5.99
C LEU A 201 -10.83 -15.75 -5.86
N ILE A 202 -9.99 -16.02 -6.84
CA ILE A 202 -9.10 -17.19 -6.83
C ILE A 202 -7.65 -16.73 -6.91
N ASP A 203 -6.75 -17.62 -6.51
CA ASP A 203 -5.32 -17.60 -6.88
C ASP A 203 -5.12 -18.89 -7.66
N PRO A 204 -4.70 -18.85 -8.94
CA PRO A 204 -4.54 -20.07 -9.72
C PRO A 204 -3.46 -21.03 -9.20
N VAL A 205 -2.50 -20.54 -8.40
CA VAL A 205 -1.43 -21.40 -7.80
C VAL A 205 -1.17 -20.95 -6.37
N PRO A 206 -2.13 -21.20 -5.45
CA PRO A 206 -2.04 -20.67 -4.10
C PRO A 206 -0.97 -21.38 -3.26
N TRP A 207 -0.01 -20.58 -2.77
CA TRP A 207 1.15 -20.96 -1.92
C TRP A 207 0.68 -21.71 -0.68
N ARG A 208 -0.26 -21.12 0.06
CA ARG A 208 -0.52 -21.51 1.47
C ARG A 208 -1.18 -22.89 1.54
N ILE A 209 -1.77 -23.38 0.45
CA ILE A 209 -2.41 -24.73 0.45
C ILE A 209 -1.62 -25.71 -0.42
N GLY A 210 -0.38 -25.38 -0.79
CA GLY A 210 0.62 -26.35 -1.28
C GLY A 210 1.29 -25.97 -2.60
N LEU A 211 0.95 -24.84 -3.20
CA LEU A 211 1.53 -24.38 -4.49
C LEU A 211 1.24 -25.41 -5.59
N LEU A 212 0.03 -25.95 -5.58
CA LEU A 212 -0.51 -26.79 -6.67
C LEU A 212 -1.39 -25.92 -7.57
N PRO A 213 -1.31 -26.10 -8.90
CA PRO A 213 -2.11 -25.31 -9.83
C PRO A 213 -3.59 -25.71 -9.84
N ALA A 214 -4.45 -24.73 -10.09
CA ALA A 214 -5.88 -24.92 -10.40
C ALA A 214 -6.01 -25.88 -11.59
N SER A 215 -6.92 -26.85 -11.51
CA SER A 215 -7.23 -27.81 -12.59
C SER A 215 -8.07 -27.11 -13.66
N LYS A 216 -7.97 -27.57 -14.92
CA LYS A 216 -8.82 -27.09 -16.04
C LYS A 216 -10.29 -27.26 -15.67
N GLU A 217 -10.65 -28.42 -15.08
CA GLU A 217 -12.05 -28.77 -14.70
C GLU A 217 -12.59 -27.71 -13.72
N TRP A 218 -11.79 -27.35 -12.72
CA TRP A 218 -12.19 -26.39 -11.66
C TRP A 218 -12.29 -24.97 -12.26
N LEU A 219 -11.30 -24.56 -13.05
CA LEU A 219 -11.32 -23.21 -13.69
C LEU A 219 -12.51 -23.11 -14.66
N ASP A 220 -12.79 -24.18 -15.42
CA ASP A 220 -13.94 -24.21 -16.36
C ASP A 220 -15.26 -24.04 -15.58
N ALA A 221 -15.40 -24.75 -14.46
CA ALA A 221 -16.61 -24.69 -13.59
C ALA A 221 -16.80 -23.25 -13.09
N LEU A 222 -15.75 -22.61 -12.58
CA LEU A 222 -15.82 -21.24 -12.04
C LEU A 222 -16.12 -20.25 -13.19
N ARG A 223 -15.45 -20.40 -14.34
CA ARG A 223 -15.64 -19.51 -15.51
C ARG A 223 -17.11 -19.59 -15.98
N GLU A 224 -17.65 -20.81 -16.11
CA GLU A 224 -19.06 -21.06 -16.53
C GLU A 224 -20.00 -20.43 -15.50
N PHE A 225 -19.72 -20.62 -14.21
CA PHE A 225 -20.59 -20.11 -13.11
C PHE A 225 -20.62 -18.58 -13.14
N CYS A 226 -19.47 -17.94 -13.31
CA CYS A 226 -19.36 -16.45 -13.35
C CYS A 226 -20.11 -15.94 -14.59
N ASP A 227 -19.97 -16.58 -15.75
CA ASP A 227 -20.70 -16.19 -16.99
C ASP A 227 -22.22 -16.26 -16.74
N ALA A 228 -22.70 -17.32 -16.07
CA ALA A 228 -24.13 -17.58 -15.85
C ALA A 228 -24.70 -16.64 -14.76
N SER A 229 -23.93 -16.36 -13.70
CA SER A 229 -24.41 -15.66 -12.48
C SER A 229 -24.17 -14.15 -12.57
N GLY A 230 -23.21 -13.72 -13.38
CA GLY A 230 -22.77 -12.31 -13.46
C GLY A 230 -21.74 -11.97 -12.39
N ALA A 231 -21.34 -12.93 -11.55
CA ALA A 231 -20.23 -12.75 -10.59
C ALA A 231 -18.94 -12.49 -11.38
N VAL A 232 -18.10 -11.59 -10.90
CA VAL A 232 -16.81 -11.23 -11.56
C VAL A 232 -15.77 -12.27 -11.16
N LEU A 233 -15.10 -12.89 -12.14
CA LEU A 233 -13.98 -13.82 -11.86
C LEU A 233 -12.70 -13.01 -11.70
N ILE A 234 -12.18 -12.96 -10.48
CA ILE A 234 -10.93 -12.22 -10.14
C ILE A 234 -9.83 -13.24 -9.89
N SER A 235 -8.76 -13.17 -10.68
CA SER A 235 -7.54 -13.98 -10.48
C SER A 235 -6.50 -13.13 -9.74
N ASP A 236 -6.22 -13.47 -8.49
CA ASP A 236 -5.17 -12.81 -7.68
C ASP A 236 -3.85 -13.50 -8.00
N GLU A 237 -3.05 -12.84 -8.84
CA GLU A 237 -1.76 -13.36 -9.34
C GLU A 237 -0.62 -12.54 -8.76
N VAL A 238 -0.83 -11.87 -7.63
CA VAL A 238 0.26 -11.08 -6.99
C VAL A 238 1.49 -11.98 -6.84
N GLY A 239 1.32 -13.24 -6.40
CA GLY A 239 2.40 -14.22 -6.29
C GLY A 239 2.52 -15.12 -7.52
N SER A 240 1.40 -15.57 -8.07
CA SER A 240 1.39 -16.67 -9.07
C SER A 240 1.60 -16.16 -10.50
N TYR A 241 1.52 -14.84 -10.74
CA TYR A 241 1.64 -14.30 -12.12
C TYR A 241 2.85 -14.91 -12.82
N ARG A 242 3.98 -14.99 -12.12
CA ARG A 242 5.30 -15.30 -12.70
C ARG A 242 5.37 -16.72 -13.28
N VAL A 243 4.40 -17.60 -13.01
CA VAL A 243 4.47 -19.01 -13.53
C VAL A 243 4.31 -19.01 -15.04
N GLY A 244 3.63 -18.02 -15.63
CA GLY A 244 3.40 -17.94 -17.08
C GLY A 244 3.87 -16.60 -17.62
N TYR A 245 4.28 -16.60 -18.89
N TYR A 245 4.33 -16.55 -18.88
CA TYR A 245 4.77 -15.37 -19.56
CA TYR A 245 4.79 -15.29 -19.50
C TYR A 245 3.62 -14.36 -19.71
C TYR A 245 3.61 -14.33 -19.67
N HIS A 246 2.39 -14.86 -19.77
CA HIS A 246 1.15 -14.03 -19.84
C HIS A 246 0.35 -14.18 -18.55
N GLY A 247 0.99 -14.63 -17.46
CA GLY A 247 0.35 -14.81 -16.16
C GLY A 247 -0.18 -16.23 -15.98
N ALA A 248 -0.78 -16.49 -14.81
CA ALA A 248 -1.13 -17.85 -14.35
C ALA A 248 -2.38 -18.36 -15.07
N MET A 249 -3.45 -17.57 -15.16
CA MET A 249 -4.70 -18.03 -15.81
C MET A 249 -4.38 -18.45 -17.26
N GLN A 250 -3.63 -17.63 -18.00
CA GLN A 250 -3.32 -17.91 -19.42
C GLN A 250 -2.52 -19.21 -19.53
N LEU A 251 -1.54 -19.43 -18.66
CA LEU A 251 -0.74 -20.69 -18.66
C LEU A 251 -1.68 -21.89 -18.52
N LEU A 252 -2.70 -21.79 -17.65
CA LEU A 252 -3.63 -22.89 -17.31
C LEU A 252 -4.84 -22.90 -18.27
N GLY A 253 -4.84 -22.03 -19.28
CA GLY A 253 -5.81 -22.05 -20.40
C GLY A 253 -7.11 -21.35 -20.06
N ALA A 254 -7.09 -20.43 -19.09
CA ALA A 254 -8.30 -19.75 -18.59
C ALA A 254 -8.17 -18.23 -18.73
N GLU A 255 -9.30 -17.51 -18.62
N GLU A 255 -9.31 -17.56 -18.53
CA GLU A 255 -9.35 -16.03 -18.66
CA GLU A 255 -9.54 -16.10 -18.65
C GLU A 255 -10.11 -15.52 -17.43
C GLU A 255 -10.13 -15.57 -17.34
N ALA A 256 -9.50 -14.58 -16.70
CA ALA A 256 -10.12 -13.81 -15.61
C ALA A 256 -10.84 -12.59 -16.20
N ASP A 257 -11.81 -12.05 -15.46
CA ASP A 257 -12.46 -10.75 -15.76
C ASP A 257 -11.52 -9.63 -15.28
N ILE A 258 -10.98 -9.80 -14.08
CA ILE A 258 -9.99 -8.88 -13.46
C ILE A 258 -8.83 -9.75 -12.96
N THR A 259 -7.60 -9.27 -13.12
CA THR A 259 -6.39 -9.89 -12.58
C THR A 259 -5.74 -8.91 -11.61
N VAL A 260 -5.37 -9.40 -10.43
CA VAL A 260 -4.59 -8.62 -9.44
C VAL A 260 -3.13 -9.02 -9.59
N MET A 261 -2.24 -8.04 -9.67
CA MET A 261 -0.79 -8.29 -9.84
C MET A 261 -0.01 -7.43 -8.86
N GLY A 262 1.24 -7.83 -8.64
CA GLY A 262 2.23 -7.11 -7.85
C GLY A 262 3.55 -7.81 -7.94
N LYS A 263 4.35 -7.72 -6.87
CA LYS A 263 5.64 -8.42 -6.73
CA LYS A 263 5.64 -8.43 -6.74
C LYS A 263 6.46 -8.29 -8.03
N VAL A 264 6.52 -9.33 -8.86
CA VAL A 264 7.50 -9.36 -10.00
C VAL A 264 7.21 -8.26 -11.02
N ILE A 265 5.99 -7.70 -11.09
CA ILE A 265 5.70 -6.70 -12.16
C ILE A 265 6.56 -5.44 -11.95
N ALA A 266 7.04 -5.17 -10.74
CA ALA A 266 8.08 -4.12 -10.50
C ALA A 266 9.36 -4.70 -9.91
N ALA A 267 9.34 -5.93 -9.40
CA ALA A 267 10.54 -6.70 -8.98
C ALA A 267 11.34 -5.93 -7.91
N GLY A 268 10.67 -5.24 -6.99
CA GLY A 268 11.34 -4.77 -5.76
C GLY A 268 10.73 -3.51 -5.17
N MET A 269 10.20 -2.60 -5.99
CA MET A 269 9.62 -1.32 -5.50
C MET A 269 8.13 -1.51 -5.23
N PRO A 270 7.56 -0.72 -4.29
CA PRO A 270 6.17 -0.93 -3.88
C PRO A 270 5.19 -0.74 -5.06
N ILE A 271 4.39 -1.76 -5.32
CA ILE A 271 3.47 -1.81 -6.49
CA ILE A 271 3.39 -1.71 -6.41
C ILE A 271 2.31 -2.77 -6.20
N GLY A 272 1.17 -2.49 -6.80
CA GLY A 272 0.12 -3.45 -7.10
C GLY A 272 -0.59 -2.98 -8.35
N ALA A 273 -1.36 -3.85 -8.98
CA ALA A 273 -2.11 -3.49 -10.19
C ALA A 273 -3.41 -4.27 -10.20
N VAL A 274 -4.45 -3.61 -10.69
CA VAL A 274 -5.75 -4.22 -11.06
C VAL A 274 -5.87 -4.06 -12.58
N ALA A 275 -5.99 -5.17 -13.30
CA ALA A 275 -6.03 -5.19 -14.77
C ALA A 275 -7.20 -6.04 -15.22
N GLY A 276 -8.03 -5.54 -16.13
CA GLY A 276 -9.17 -6.34 -16.59
C GLY A 276 -9.87 -5.74 -17.79
N ARG A 277 -10.97 -6.38 -18.19
CA ARG A 277 -11.78 -5.91 -19.33
C ARG A 277 -12.31 -4.52 -18.96
N ARG A 278 -12.46 -3.66 -19.96
N ARG A 278 -12.44 -3.65 -19.96
CA ARG A 278 -12.84 -2.23 -19.79
CA ARG A 278 -12.85 -2.23 -19.78
C ARG A 278 -14.12 -2.13 -18.96
C ARG A 278 -14.11 -2.15 -18.92
N ARG A 279 -15.11 -2.99 -19.18
CA ARG A 279 -16.45 -2.85 -18.53
C ARG A 279 -16.29 -2.99 -17.00
N PHE A 280 -15.47 -3.94 -16.53
CA PHE A 280 -15.27 -4.17 -15.08
C PHE A 280 -14.48 -3.00 -14.47
N MET A 281 -13.51 -2.48 -15.23
CA MET A 281 -12.61 -1.39 -14.78
C MET A 281 -13.33 -0.04 -14.87
N SER A 282 -14.48 0.03 -15.55
CA SER A 282 -15.20 1.30 -15.84
C SER A 282 -15.69 1.95 -14.54
N VAL A 283 -15.87 1.18 -13.46
CA VAL A 283 -16.29 1.74 -12.14
C VAL A 283 -15.28 2.80 -11.68
N PHE A 284 -14.02 2.69 -12.09
CA PHE A 284 -12.93 3.63 -11.69
C PHE A 284 -12.88 4.88 -12.58
N ASP A 285 -13.53 4.85 -13.74
CA ASP A 285 -13.40 5.92 -14.77
C ASP A 285 -13.98 7.22 -14.23
N PRO A 286 -13.17 8.28 -14.03
CA PRO A 286 -13.68 9.57 -13.53
C PRO A 286 -13.95 10.63 -14.60
N SER A 287 -13.91 10.23 -15.88
CA SER A 287 -13.86 11.14 -17.05
C SER A 287 -15.27 11.49 -17.56
N LYS A 288 -16.30 10.77 -17.11
CA LYS A 288 -17.71 10.97 -17.54
C LYS A 288 -18.58 11.22 -16.30
N GLY A 289 -18.15 12.14 -15.43
CA GLY A 289 -18.80 12.42 -14.13
C GLY A 289 -18.10 11.69 -13.00
N LYS A 290 -18.63 11.81 -11.77
CA LYS A 290 -18.07 11.13 -10.57
C LYS A 290 -17.95 9.64 -10.88
N PRO A 291 -16.82 9.00 -10.56
CA PRO A 291 -16.68 7.55 -10.74
C PRO A 291 -17.55 6.79 -9.73
N ALA A 292 -18.03 5.60 -10.11
CA ALA A 292 -18.74 4.68 -9.19
C ALA A 292 -17.81 4.31 -8.02
N LEU A 293 -16.51 4.16 -8.31
CA LEU A 293 -15.50 3.76 -7.30
C LEU A 293 -14.34 4.76 -7.33
N PRO A 294 -14.34 5.77 -6.43
CA PRO A 294 -13.16 6.61 -6.21
C PRO A 294 -12.01 5.71 -5.77
N HIS A 295 -10.82 5.98 -6.29
CA HIS A 295 -9.60 5.23 -5.93
C HIS A 295 -8.39 6.15 -6.05
N SER A 296 -7.98 6.72 -4.92
CA SER A 296 -6.78 7.57 -4.88
C SER A 296 -5.68 6.83 -4.13
N GLY A 297 -4.67 7.56 -3.66
CA GLY A 297 -3.49 6.96 -3.00
C GLY A 297 -2.25 7.75 -3.37
N SER A 298 -1.52 8.21 -2.38
CA SER A 298 -0.42 9.20 -2.53
C SER A 298 0.66 8.69 -3.50
N TYR A 299 0.89 7.37 -3.56
CA TYR A 299 2.01 6.78 -4.34
C TYR A 299 1.48 6.01 -5.55
N ASN A 300 0.17 6.04 -5.81
CA ASN A 300 -0.39 5.36 -7.02
C ASN A 300 0.37 5.86 -8.25
N ALA A 301 0.93 4.96 -9.04
CA ALA A 301 1.58 5.27 -10.33
C ALA A 301 2.79 6.20 -10.11
N ASN A 302 3.39 6.22 -8.92
CA ASN A 302 4.57 7.09 -8.68
C ASN A 302 5.65 6.69 -9.68
N PRO A 303 6.41 7.65 -10.23
CA PRO A 303 7.33 7.37 -11.32
C PRO A 303 8.48 6.44 -10.93
N VAL A 304 8.80 6.31 -9.63
CA VAL A 304 9.88 5.39 -9.20
C VAL A 304 9.38 3.94 -9.34
N SER A 305 8.19 3.64 -8.83
CA SER A 305 7.56 2.29 -9.00
C SER A 305 7.29 2.03 -10.49
N MET A 306 6.83 3.03 -11.25
CA MET A 306 6.56 2.85 -12.70
C MET A 306 7.87 2.52 -13.42
N SER A 307 8.98 3.20 -13.06
CA SER A 307 10.30 3.01 -13.70
C SER A 307 10.84 1.61 -13.34
N SER A 308 10.64 1.17 -12.10
CA SER A 308 10.99 -0.19 -11.63
C SER A 308 10.22 -1.21 -12.49
N GLY A 309 8.93 -0.94 -12.71
CA GLY A 309 8.03 -1.79 -13.53
C GLY A 309 8.49 -1.88 -14.98
N ILE A 310 8.77 -0.73 -15.60
CA ILE A 310 9.24 -0.71 -17.02
C ILE A 310 10.51 -1.56 -17.13
N ALA A 311 11.46 -1.36 -16.23
CA ALA A 311 12.77 -2.07 -16.24
C ALA A 311 12.52 -3.57 -16.00
N SER A 312 11.63 -3.91 -15.06
CA SER A 312 11.33 -5.33 -14.72
C SER A 312 10.76 -6.05 -15.94
N LEU A 313 9.73 -5.48 -16.58
CA LEU A 313 9.07 -6.15 -17.72
C LEU A 313 10.05 -6.22 -18.90
N ARG A 314 10.91 -5.21 -19.07
CA ARG A 314 11.96 -5.22 -20.14
C ARG A 314 12.89 -6.40 -19.91
N LEU A 315 13.30 -6.64 -18.66
CA LEU A 315 14.24 -7.74 -18.30
C LEU A 315 13.51 -9.08 -18.33
N LEU A 316 12.19 -9.10 -18.12
CA LEU A 316 11.39 -10.36 -18.11
C LEU A 316 11.03 -10.70 -19.55
N THR A 317 12.04 -11.14 -20.31
CA THR A 317 11.93 -11.57 -21.72
C THR A 317 11.39 -12.99 -21.74
N PRO A 318 10.87 -13.46 -22.88
CA PRO A 318 10.50 -14.87 -23.03
C PRO A 318 11.70 -15.80 -22.73
N GLN A 319 12.91 -15.34 -23.05
CA GLN A 319 14.16 -16.14 -22.88
C GLN A 319 14.48 -16.25 -21.40
N ALA A 320 14.36 -15.15 -20.64
CA ALA A 320 14.57 -15.14 -19.18
C ALA A 320 13.56 -16.08 -18.52
N HIS A 321 12.29 -15.95 -18.92
CA HIS A 321 11.17 -16.79 -18.41
C HIS A 321 11.51 -18.28 -18.63
N GLU A 322 11.92 -18.63 -19.85
CA GLU A 322 12.23 -20.04 -20.19
C GLU A 322 13.35 -20.54 -19.28
N ARG A 323 14.42 -19.75 -19.12
CA ARG A 323 15.64 -20.23 -18.44
C ARG A 323 15.36 -20.40 -16.93
N ILE A 324 14.67 -19.45 -16.30
CA ILE A 324 14.38 -19.60 -14.84
C ILE A 324 13.42 -20.77 -14.63
N GLY A 325 12.58 -21.09 -15.63
CA GLY A 325 11.73 -22.30 -15.62
C GLY A 325 12.57 -23.57 -15.62
N GLN A 326 13.60 -23.61 -16.46
CA GLN A 326 14.58 -24.72 -16.49
C GLN A 326 15.21 -24.90 -15.10
N LEU A 327 15.67 -23.81 -14.48
CA LEU A 327 16.33 -23.85 -13.15
C LEU A 327 15.31 -24.29 -12.09
N GLY A 328 14.05 -23.87 -12.19
CA GLY A 328 12.99 -24.32 -11.27
C GLY A 328 12.80 -25.83 -11.34
N GLU A 329 12.73 -26.36 -12.56
CA GLU A 329 12.58 -27.82 -12.81
C GLU A 329 13.79 -28.57 -12.20
N GLN A 330 14.99 -28.04 -12.39
N GLN A 330 15.00 -28.04 -12.43
CA GLN A 330 16.25 -28.65 -11.87
CA GLN A 330 16.27 -28.59 -11.88
C GLN A 330 16.24 -28.61 -10.34
C GLN A 330 16.19 -28.63 -10.35
N ALA A 331 15.84 -27.49 -9.73
CA ALA A 331 15.75 -27.33 -8.27
C ALA A 331 14.73 -28.33 -7.70
N ARG A 332 13.53 -28.40 -8.28
CA ARG A 332 12.45 -29.32 -7.78
C ARG A 332 12.95 -30.77 -7.89
N GLY A 333 13.53 -31.14 -9.04
CA GLY A 333 14.09 -32.50 -9.25
C GLY A 333 15.13 -32.84 -8.21
N SER A 334 16.08 -31.94 -7.95
CA SER A 334 17.20 -32.15 -6.99
C SER A 334 16.64 -32.30 -5.57
N MET A 335 15.65 -31.50 -5.20
CA MET A 335 15.02 -31.59 -3.86
C MET A 335 14.30 -32.94 -3.70
N ARG A 336 13.56 -33.39 -4.71
CA ARG A 336 12.83 -34.69 -4.65
C ARG A 336 13.85 -35.81 -4.45
N THR A 337 14.96 -35.78 -5.20
CA THR A 337 16.04 -36.80 -5.09
C THR A 337 16.59 -36.78 -3.66
N ALA A 338 16.90 -35.60 -3.12
CA ALA A 338 17.50 -35.45 -1.78
C ALA A 338 16.52 -35.93 -0.71
N LEU A 339 15.24 -35.60 -0.82
CA LEU A 339 14.21 -36.03 0.16
C LEU A 339 14.09 -37.55 0.12
N GLY A 340 14.05 -38.15 -1.07
CA GLY A 340 13.97 -39.60 -1.26
C GLY A 340 15.16 -40.31 -0.64
N GLU A 341 16.38 -39.81 -0.88
CA GLU A 341 17.62 -40.42 -0.36
C GLU A 341 17.71 -40.26 1.16
N ALA A 342 17.11 -39.21 1.72
CA ALA A 342 17.05 -38.96 3.18
C ALA A 342 15.95 -39.81 3.83
N GLY A 343 15.06 -40.43 3.03
CA GLY A 343 13.96 -41.27 3.52
C GLY A 343 12.79 -40.46 4.06
N LEU A 344 12.55 -39.25 3.55
CA LEU A 344 11.37 -38.44 3.94
C LEU A 344 10.30 -38.56 2.85
N ASP A 345 9.03 -38.49 3.25
CA ASP A 345 7.85 -38.61 2.34
C ASP A 345 7.40 -37.22 1.89
N TRP A 346 8.23 -36.19 2.10
CA TRP A 346 7.87 -34.78 1.81
C TRP A 346 7.78 -34.60 0.30
N GLU A 347 6.87 -33.73 -0.14
CA GLU A 347 6.64 -33.47 -1.58
C GLU A 347 7.29 -32.14 -1.95
N VAL A 348 7.57 -31.98 -3.23
CA VAL A 348 8.04 -30.69 -3.81
C VAL A 348 7.05 -30.32 -4.91
N ASN A 349 6.39 -29.17 -4.75
CA ASN A 349 5.39 -28.67 -5.71
C ASN A 349 5.94 -27.42 -6.38
N GLY A 350 5.29 -26.99 -7.44
CA GLY A 350 5.58 -25.71 -8.10
C GLY A 350 5.57 -25.84 -9.61
N LEU A 351 5.49 -24.68 -10.25
CA LEU A 351 5.51 -24.48 -11.72
C LEU A 351 6.63 -23.48 -12.01
N GLY A 352 7.25 -23.57 -13.18
CA GLY A 352 8.19 -22.54 -13.64
C GLY A 352 9.29 -22.32 -12.62
N SER A 353 9.48 -21.07 -12.19
CA SER A 353 10.58 -20.65 -11.29
C SER A 353 10.15 -20.70 -9.81
N LEU A 354 8.95 -21.23 -9.49
CA LEU A 354 8.47 -21.33 -8.08
C LEU A 354 8.60 -22.77 -7.60
N PHE A 355 8.92 -22.96 -6.33
CA PHE A 355 8.84 -24.29 -5.71
C PHE A 355 8.39 -24.15 -4.25
N ARG A 356 7.86 -25.24 -3.72
CA ARG A 356 7.59 -25.34 -2.27
C ARG A 356 7.85 -26.78 -1.84
N VAL A 357 8.71 -26.93 -0.84
CA VAL A 357 8.82 -28.20 -0.06
C VAL A 357 7.60 -28.24 0.86
N VAL A 358 6.76 -29.27 0.73
CA VAL A 358 5.58 -29.47 1.60
C VAL A 358 5.90 -30.63 2.54
N ALA A 359 6.25 -30.30 3.78
CA ALA A 359 6.56 -31.29 4.83
C ALA A 359 5.30 -32.09 5.13
N ASN A 360 5.41 -33.42 5.11
N ASN A 360 5.42 -33.42 5.10
CA ASN A 360 4.28 -34.35 5.37
CA ASN A 360 4.31 -34.40 5.30
C ASN A 360 4.51 -35.00 6.74
C ASN A 360 4.47 -35.03 6.68
N SER A 361 5.25 -36.12 6.78
CA SER A 361 5.47 -36.87 8.05
C SER A 361 6.62 -36.22 8.84
N ALA A 362 6.36 -35.83 10.09
CA ALA A 362 7.39 -35.30 11.01
C ALA A 362 8.38 -36.42 11.32
N PRO A 363 9.70 -36.23 11.12
CA PRO A 363 10.67 -37.23 11.53
C PRO A 363 10.87 -37.20 13.06
N ALA A 364 11.58 -38.20 13.58
CA ALA A 364 11.87 -38.37 15.02
C ALA A 364 12.37 -37.06 15.61
N GLY A 365 11.76 -36.62 16.72
CA GLY A 365 12.23 -35.47 17.53
C GLY A 365 11.54 -34.16 17.17
N TYR A 366 10.59 -34.18 16.23
CA TYR A 366 9.81 -32.99 15.81
C TYR A 366 8.34 -33.23 16.08
N ASP A 367 7.70 -32.29 16.77
CA ASP A 367 6.28 -32.38 17.23
C ASP A 367 5.33 -32.25 16.03
N SER A 368 5.79 -31.67 14.91
CA SER A 368 4.96 -31.43 13.71
C SER A 368 5.83 -31.33 12.45
N ALA A 369 5.20 -31.49 11.29
CA ALA A 369 5.80 -31.24 9.96
C ALA A 369 6.33 -29.81 9.91
N ALA A 370 5.54 -28.84 10.38
CA ALA A 370 5.88 -27.40 10.36
C ALA A 370 7.17 -27.17 11.18
N ALA A 371 7.32 -27.80 12.34
CA ALA A 371 8.52 -27.66 13.19
C ALA A 371 9.75 -28.24 12.46
N ALA A 372 9.59 -29.36 11.76
CA ALA A 372 10.68 -30.01 10.99
C ALA A 372 11.10 -29.10 9.83
N MET A 373 10.14 -28.47 9.16
CA MET A 373 10.42 -27.54 8.02
CA MET A 373 10.41 -27.55 8.03
C MET A 373 11.13 -26.29 8.57
N LYS A 374 10.70 -25.78 9.72
CA LYS A 374 11.38 -24.60 10.34
C LYS A 374 12.83 -24.98 10.65
N ALA A 375 13.09 -26.20 11.14
CA ALA A 375 14.45 -26.68 11.43
C ALA A 375 15.26 -26.74 10.14
N LEU A 376 14.67 -27.21 9.04
CA LEU A 376 15.33 -27.25 7.70
C LEU A 376 15.68 -25.83 7.25
N TYR A 377 14.76 -24.88 7.43
CA TYR A 377 14.99 -23.45 7.14
C TYR A 377 16.24 -22.96 7.87
N TRP A 378 16.37 -23.25 9.17
CA TRP A 378 17.53 -22.78 9.99
C TRP A 378 18.81 -23.48 9.54
N LYS A 379 18.77 -24.78 9.24
CA LYS A 379 19.99 -25.52 8.79
CA LYS A 379 19.98 -25.52 8.79
C LYS A 379 20.41 -24.99 7.42
N LEU A 380 19.45 -24.67 6.54
CA LEU A 380 19.81 -24.11 5.21
C LEU A 380 20.52 -22.76 5.40
N LEU A 381 20.07 -21.93 6.34
CA LEU A 381 20.75 -20.65 6.68
C LEU A 381 22.20 -20.93 7.08
N GLU A 382 22.39 -21.90 7.97
CA GLU A 382 23.74 -22.33 8.44
C GLU A 382 24.59 -22.74 7.24
N ASN A 383 23.97 -23.36 6.23
CA ASN A 383 24.67 -23.91 5.04
C ASN A 383 24.57 -22.95 3.84
N GLY A 384 24.30 -21.66 4.08
CA GLY A 384 24.52 -20.57 3.10
C GLY A 384 23.34 -20.34 2.15
N ILE A 385 22.12 -20.68 2.57
CA ILE A 385 20.89 -20.60 1.72
C ILE A 385 19.77 -19.91 2.50
N HIS A 386 19.07 -18.95 1.87
CA HIS A 386 17.75 -18.43 2.34
C HIS A 386 16.62 -19.11 1.56
N ILE A 387 15.73 -19.81 2.27
CA ILE A 387 14.39 -20.21 1.74
C ILE A 387 13.32 -19.68 2.70
N GLY A 388 12.06 -19.90 2.36
CA GLY A 388 10.92 -19.61 3.25
C GLY A 388 10.84 -20.65 4.36
N ASP A 389 10.39 -20.25 5.54
CA ASP A 389 10.35 -21.14 6.72
C ASP A 389 9.23 -22.18 6.60
N SER A 390 8.36 -22.09 5.59
CA SER A 390 7.36 -23.15 5.30
C SER A 390 7.67 -23.82 3.94
N GLY A 391 8.89 -23.64 3.42
CA GLY A 391 9.41 -24.42 2.29
C GLY A 391 9.31 -23.73 0.94
N LEU A 392 8.78 -22.51 0.86
CA LEU A 392 8.68 -21.76 -0.42
C LEU A 392 10.08 -21.32 -0.87
N GLY A 393 10.37 -21.45 -2.15
CA GLY A 393 11.55 -20.84 -2.76
C GLY A 393 11.29 -20.49 -4.20
N CYS A 394 12.23 -19.78 -4.81
CA CYS A 394 12.08 -19.37 -6.22
C CYS A 394 13.44 -19.03 -6.83
N ILE A 395 13.47 -19.04 -8.15
CA ILE A 395 14.67 -18.75 -8.97
C ILE A 395 14.66 -17.24 -9.26
N SER A 396 15.85 -16.64 -9.27
CA SER A 396 16.07 -15.26 -9.76
C SER A 396 16.96 -15.33 -11.01
N THR A 397 16.85 -14.34 -11.90
CA THR A 397 17.56 -14.36 -13.20
C THR A 397 19.08 -14.37 -13.02
N PRO A 398 19.69 -13.78 -11.97
CA PRO A 398 21.14 -13.85 -11.79
C PRO A 398 21.66 -15.27 -11.51
N MET A 399 20.78 -16.19 -11.13
CA MET A 399 21.17 -17.59 -10.86
C MET A 399 21.51 -18.29 -12.17
N GLY A 400 22.46 -19.22 -12.11
CA GLY A 400 22.68 -20.23 -13.15
C GLY A 400 22.57 -21.61 -12.57
N GLU A 401 22.86 -22.63 -13.36
CA GLU A 401 22.79 -24.06 -12.95
C GLU A 401 23.71 -24.28 -11.73
N GLU A 402 24.80 -23.51 -11.61
CA GLU A 402 25.79 -23.62 -10.50
C GLU A 402 25.13 -23.30 -9.16
N GLU A 403 24.30 -22.26 -9.09
CA GLU A 403 23.59 -21.87 -7.85
C GLU A 403 22.63 -22.99 -7.44
N ILE A 404 21.92 -23.60 -8.40
CA ILE A 404 20.92 -24.67 -8.09
C ILE A 404 21.69 -25.91 -7.64
N ALA A 405 22.86 -26.20 -8.23
CA ALA A 405 23.72 -27.33 -7.80
C ALA A 405 24.22 -27.09 -6.37
N GLU A 406 24.66 -25.88 -6.04
CA GLU A 406 25.13 -25.54 -4.67
C GLU A 406 23.96 -25.71 -3.69
N TYR A 407 22.78 -25.24 -4.09
CA TYR A 407 21.54 -25.38 -3.29
C TYR A 407 21.28 -26.86 -3.00
N ALA A 408 21.41 -27.73 -4.01
CA ALA A 408 21.13 -29.18 -3.90
C ALA A 408 22.07 -29.79 -2.86
N VAL A 409 23.35 -29.39 -2.86
CA VAL A 409 24.35 -29.89 -1.88
C VAL A 409 23.94 -29.43 -0.48
N ALA A 410 23.63 -28.14 -0.31
CA ALA A 410 23.23 -27.53 0.98
C ALA A 410 21.94 -28.19 1.47
N PHE A 411 21.01 -28.48 0.57
CA PHE A 411 19.69 -29.07 0.89
C PHE A 411 19.90 -30.48 1.47
N ALA A 412 20.66 -31.34 0.78
CA ALA A 412 20.97 -32.72 1.24
C ALA A 412 21.67 -32.66 2.61
N LYS A 413 22.66 -31.77 2.75
CA LYS A 413 23.44 -31.63 4.01
C LYS A 413 22.49 -31.22 5.14
N SER A 414 21.63 -30.24 4.88
CA SER A 414 20.68 -29.67 5.88
C SER A 414 19.69 -30.75 6.33
N LEU A 415 19.15 -31.54 5.41
CA LEU A 415 18.23 -32.66 5.75
C LEU A 415 18.94 -33.59 6.73
N GLY A 416 20.20 -33.96 6.45
CA GLY A 416 21.00 -34.84 7.32
C GLY A 416 21.09 -34.28 8.73
N GLN A 417 21.36 -32.98 8.86
CA GLN A 417 21.56 -32.30 10.16
C GLN A 417 20.23 -32.20 10.92
N VAL A 418 19.15 -31.88 10.22
CA VAL A 418 17.77 -31.83 10.80
C VAL A 418 17.45 -33.20 11.42
N LEU A 419 17.65 -34.28 10.66
CA LEU A 419 17.27 -35.65 11.09
C LEU A 419 18.15 -36.06 12.29
N ALA A 420 19.45 -35.78 12.22
CA ALA A 420 20.42 -36.17 13.27
C ALA A 420 20.09 -35.46 14.58
N GLU A 421 19.74 -34.17 14.52
CA GLU A 421 19.42 -33.35 15.72
C GLU A 421 18.09 -33.83 16.33
N GLY A 422 17.16 -34.30 15.50
CA GLY A 422 15.88 -34.89 15.95
C GLY A 422 16.08 -36.18 16.73
N ARG A 423 17.09 -36.97 16.33
CA ARG A 423 17.40 -38.30 16.94
C ARG A 423 18.28 -38.12 18.19
N ALA A 424 18.87 -36.93 18.38
CA ALA A 424 19.78 -36.61 19.50
C ALA A 424 19.05 -36.75 20.85
N ALA B 1 -2.68 31.44 -23.37
CA ALA B 1 -1.19 31.35 -23.42
C ALA B 1 -0.73 29.90 -23.17
N MET B 2 -1.42 29.17 -22.30
CA MET B 2 -0.99 27.85 -21.75
C MET B 2 -1.06 26.76 -22.83
N ILE B 3 0.08 26.13 -23.12
CA ILE B 3 0.21 25.00 -24.09
C ILE B 3 0.22 23.69 -23.29
N THR B 4 -0.69 22.78 -23.63
CA THR B 4 -0.81 21.45 -22.96
C THR B 4 -0.87 20.34 -24.01
N GLU B 5 -0.30 20.56 -25.20
CA GLU B 5 -0.34 19.60 -26.34
C GLU B 5 0.23 18.24 -25.90
N LYS B 6 1.39 18.25 -25.24
CA LYS B 6 2.06 16.98 -24.84
C LYS B 6 1.24 16.28 -23.75
N SER B 7 0.56 17.03 -22.87
CA SER B 7 -0.35 16.44 -21.85
C SER B 7 -1.53 15.78 -22.56
N ALA B 8 -2.12 16.47 -23.55
CA ALA B 8 -3.26 15.96 -24.36
C ALA B 8 -2.87 14.64 -25.02
N ALA B 9 -1.66 14.57 -25.57
CA ALA B 9 -1.14 13.39 -26.32
C ALA B 9 -0.93 12.21 -25.35
N LEU B 10 -0.42 12.49 -24.15
CA LEU B 10 -0.27 11.45 -23.09
C LEU B 10 -1.66 10.96 -22.66
N TYR B 11 -2.63 11.87 -22.52
CA TYR B 11 -4.00 11.49 -22.11
C TYR B 11 -4.62 10.57 -23.18
N ALA B 12 -4.41 10.87 -24.47
CA ALA B 12 -4.97 10.08 -25.59
C ALA B 12 -4.42 8.65 -25.55
N ARG B 13 -3.16 8.47 -25.17
CA ARG B 13 -2.54 7.14 -24.94
C ARG B 13 -3.14 6.52 -23.68
N ALA B 14 -3.23 7.29 -22.59
CA ALA B 14 -3.67 6.82 -21.26
C ALA B 14 -5.07 6.20 -21.33
N VAL B 15 -6.00 6.81 -22.07
CA VAL B 15 -7.42 6.35 -22.09
C VAL B 15 -7.52 4.95 -22.70
N GLU B 16 -6.51 4.51 -23.48
CA GLU B 16 -6.51 3.17 -24.11
C GLU B 16 -6.12 2.09 -23.10
N VAL B 17 -5.44 2.45 -22.01
CA VAL B 17 -4.81 1.43 -21.09
C VAL B 17 -5.19 1.66 -19.62
N MET B 18 -5.90 2.73 -19.29
CA MET B 18 -6.39 3.01 -17.91
CA MET B 18 -6.41 2.97 -17.92
C MET B 18 -7.83 3.49 -18.00
N PRO B 19 -8.66 3.25 -16.96
CA PRO B 19 -10.05 3.71 -16.96
C PRO B 19 -10.12 5.25 -16.98
N GLY B 20 -10.66 5.81 -18.06
CA GLY B 20 -10.65 7.26 -18.30
C GLY B 20 -9.25 7.83 -18.25
N GLY B 21 -8.24 7.02 -18.58
CA GLY B 21 -6.82 7.45 -18.60
C GLY B 21 -6.31 7.82 -17.22
N ASN B 22 -6.86 7.20 -16.17
CA ASN B 22 -6.63 7.62 -14.76
C ASN B 22 -6.20 6.42 -13.91
N SER B 23 -5.28 6.63 -12.97
CA SER B 23 -4.84 5.61 -11.99
C SER B 23 -4.94 6.14 -10.55
N ARG B 24 -5.50 7.33 -10.36
CA ARG B 24 -5.55 8.01 -9.05
C ARG B 24 -6.57 9.14 -9.13
N THR B 25 -7.75 8.93 -8.56
CA THR B 25 -8.92 9.81 -8.85
C THR B 25 -8.55 11.27 -8.55
N ALA B 26 -7.86 11.51 -7.43
CA ALA B 26 -7.56 12.86 -6.90
C ALA B 26 -6.76 13.71 -7.90
N VAL B 27 -5.99 13.12 -8.81
CA VAL B 27 -5.11 13.91 -9.72
C VAL B 27 -5.79 14.12 -11.08
N TYR B 28 -6.97 13.55 -11.31
CA TYR B 28 -7.72 13.75 -12.58
C TYR B 28 -8.30 15.17 -12.61
N SER B 29 -8.29 15.78 -13.79
CA SER B 29 -9.02 17.04 -14.13
C SER B 29 -9.63 16.88 -15.52
N SER B 30 -10.80 17.50 -15.75
CA SER B 30 -11.47 17.53 -17.07
C SER B 30 -10.92 18.70 -17.88
N PRO B 31 -10.69 18.54 -19.21
CA PRO B 31 -10.88 17.27 -19.92
C PRO B 31 -9.71 16.29 -19.74
N TYR B 32 -8.56 16.78 -19.27
CA TYR B 32 -7.38 15.96 -18.91
C TYR B 32 -6.53 16.79 -17.94
N PRO B 33 -5.78 16.12 -17.03
CA PRO B 33 -4.84 16.82 -16.16
C PRO B 33 -3.54 17.19 -16.88
N VAL B 34 -2.82 18.16 -16.32
CA VAL B 34 -1.43 18.47 -16.72
C VAL B 34 -0.55 17.31 -16.26
N TYR B 35 0.22 16.73 -17.18
CA TYR B 35 1.26 15.71 -16.90
C TYR B 35 2.58 16.42 -16.63
N VAL B 36 3.37 15.87 -15.71
CA VAL B 36 4.67 16.47 -15.30
C VAL B 36 5.78 15.45 -15.51
N ARG B 37 7.00 15.94 -15.73
CA ARG B 37 8.12 15.04 -16.07
C ARG B 37 9.18 15.09 -14.98
N SER B 38 9.32 16.21 -14.24
CA SER B 38 10.42 16.38 -13.26
CA SER B 38 10.41 16.36 -13.24
C SER B 38 10.08 17.48 -12.25
N GLY B 39 10.71 17.40 -11.09
CA GLY B 39 10.67 18.42 -10.04
C GLY B 39 12.07 18.68 -9.52
N SER B 40 12.36 19.92 -9.15
CA SER B 40 13.64 20.33 -8.53
C SER B 40 13.34 21.40 -7.49
N GLY B 41 13.66 21.13 -6.22
CA GLY B 41 13.36 22.05 -5.11
C GLY B 41 11.86 22.29 -5.00
N ALA B 42 11.44 23.55 -5.13
CA ALA B 42 10.02 23.96 -4.97
C ALA B 42 9.29 23.97 -6.31
N ARG B 43 9.94 23.53 -7.40
CA ARG B 43 9.41 23.72 -8.77
C ARG B 43 9.22 22.39 -9.49
N VAL B 44 8.19 22.34 -10.32
CA VAL B 44 7.80 21.17 -11.17
C VAL B 44 7.77 21.63 -12.62
N THR B 45 8.35 20.82 -13.51
CA THR B 45 8.35 21.07 -14.97
C THR B 45 7.35 20.09 -15.61
N ASP B 46 6.39 20.62 -16.36
CA ASP B 46 5.34 19.79 -17.00
C ASP B 46 5.92 19.22 -18.31
N VAL B 47 5.17 18.34 -18.97
CA VAL B 47 5.65 17.63 -20.19
C VAL B 47 5.77 18.60 -21.36
N ASP B 48 5.15 19.79 -21.27
CA ASP B 48 5.24 20.85 -22.31
C ASP B 48 6.40 21.81 -21.98
N GLY B 49 7.21 21.47 -20.97
CA GLY B 49 8.45 22.18 -20.62
C GLY B 49 8.22 23.41 -19.75
N VAL B 50 7.03 23.56 -19.17
CA VAL B 50 6.64 24.76 -18.36
C VAL B 50 6.96 24.50 -16.88
N GLU B 51 7.82 25.33 -16.29
CA GLU B 51 8.22 25.23 -14.87
C GLU B 51 7.28 26.11 -14.03
N ARG B 52 6.77 25.55 -12.93
CA ARG B 52 5.83 26.23 -12.01
C ARG B 52 6.29 25.97 -10.58
N ILE B 53 5.92 26.84 -9.65
CA ILE B 53 6.16 26.59 -8.20
C ILE B 53 5.05 25.67 -7.71
N ASP B 54 5.44 24.60 -7.02
CA ASP B 54 4.50 23.59 -6.49
C ASP B 54 4.11 23.98 -5.06
N PHE B 55 2.86 24.42 -4.88
CA PHE B 55 2.28 24.72 -3.54
C PHE B 55 1.29 23.63 -3.13
N LEU B 56 1.35 22.44 -3.72
CA LEU B 56 0.58 21.31 -3.13
C LEU B 56 1.48 20.11 -2.82
N ASN B 57 2.53 19.83 -3.59
CA ASN B 57 3.65 18.96 -3.13
C ASN B 57 3.14 17.53 -2.92
N ASN B 58 2.57 16.95 -3.97
CA ASN B 58 1.93 15.61 -3.94
C ASN B 58 1.01 15.54 -2.72
N SER B 59 -0.01 16.39 -2.69
CA SER B 59 -1.06 16.40 -1.62
C SER B 59 -0.41 16.42 -0.24
N THR B 60 0.60 17.29 -0.07
CA THR B 60 1.31 17.63 1.19
C THR B 60 2.32 16.55 1.58
N THR B 61 2.60 15.57 0.71
CA THR B 61 3.63 14.53 0.98
C THR B 61 5.02 15.16 1.01
N LEU B 62 5.33 16.04 0.05
CA LEU B 62 6.74 16.45 -0.22
C LEU B 62 7.10 17.63 0.67
N ILE B 63 7.26 17.39 1.98
CA ILE B 63 7.59 18.47 2.94
C ILE B 63 8.96 19.08 2.56
N HIS B 64 9.84 18.31 1.91
CA HIS B 64 11.19 18.80 1.50
C HIS B 64 11.23 19.08 0.00
N GLY B 65 10.05 19.25 -0.62
CA GLY B 65 9.93 19.48 -2.07
C GLY B 65 10.49 18.33 -2.88
N HIS B 66 10.91 18.65 -4.09
CA HIS B 66 11.21 17.69 -5.18
C HIS B 66 12.71 17.38 -5.21
N ALA B 67 13.04 16.09 -5.22
CA ALA B 67 14.43 15.62 -5.46
C ALA B 67 15.39 16.43 -4.56
N HIS B 68 15.05 16.58 -3.29
CA HIS B 68 15.97 17.18 -2.29
C HIS B 68 17.29 16.41 -2.38
N PRO B 69 18.45 17.06 -2.58
CA PRO B 69 19.72 16.35 -2.77
CA PRO B 69 19.70 16.33 -2.80
C PRO B 69 20.02 15.30 -1.70
N GLU B 70 19.70 15.59 -0.44
CA GLU B 70 20.01 14.67 0.68
C GLU B 70 19.03 13.49 0.66
N MET B 71 17.80 13.71 0.22
CA MET B 71 16.77 12.64 0.04
CA MET B 71 16.82 12.60 0.08
C MET B 71 17.21 11.73 -1.12
N VAL B 72 17.59 12.35 -2.23
CA VAL B 72 18.02 11.61 -3.45
C VAL B 72 19.23 10.73 -3.08
N GLU B 73 20.20 11.29 -2.37
CA GLU B 73 21.40 10.52 -1.98
C GLU B 73 20.96 9.29 -1.19
N ALA B 74 20.17 9.49 -0.12
CA ALA B 74 19.76 8.41 0.82
C ALA B 74 18.98 7.35 0.05
N ILE B 75 18.04 7.76 -0.79
CA ILE B 75 17.13 6.82 -1.53
C ILE B 75 17.93 6.05 -2.57
N ALA B 76 18.69 6.74 -3.43
CA ALA B 76 19.43 6.11 -4.54
C ALA B 76 20.49 5.15 -3.98
N ALA B 77 21.17 5.52 -2.89
CA ALA B 77 22.18 4.66 -2.23
C ALA B 77 21.49 3.40 -1.70
N ALA B 78 20.34 3.54 -1.05
CA ALA B 78 19.56 2.38 -0.53
C ALA B 78 19.19 1.46 -1.69
N VAL B 79 18.70 2.01 -2.80
CA VAL B 79 18.30 1.23 -4.00
C VAL B 79 19.48 0.37 -4.46
N GLY B 80 20.70 0.93 -4.48
CA GLY B 80 21.90 0.24 -4.94
C GLY B 80 22.28 -0.96 -4.08
N HIS B 81 21.80 -1.03 -2.83
CA HIS B 81 22.07 -2.14 -1.88
C HIS B 81 20.93 -3.16 -1.85
N GLY B 82 19.81 -2.88 -2.53
CA GLY B 82 18.65 -3.78 -2.58
C GLY B 82 17.38 -3.04 -2.17
N THR B 83 16.35 -3.12 -3.00
CA THR B 83 15.10 -2.32 -2.86
C THR B 83 14.23 -2.90 -1.75
N SER B 84 14.14 -4.23 -1.66
CA SER B 84 13.35 -4.94 -0.63
C SER B 84 13.92 -6.33 -0.40
N PHE B 85 13.67 -6.85 0.78
CA PHE B 85 14.22 -8.15 1.29
C PHE B 85 13.12 -8.89 2.04
N GLY B 86 13.21 -10.22 2.06
CA GLY B 86 12.38 -11.10 2.92
C GLY B 86 12.95 -11.24 4.31
N MET B 87 13.76 -10.29 4.75
CA MET B 87 14.41 -10.26 6.08
C MET B 87 14.44 -8.80 6.54
N PRO B 88 14.38 -8.52 7.85
CA PRO B 88 14.47 -7.15 8.34
C PRO B 88 15.90 -6.61 8.11
N THR B 89 16.03 -5.28 8.14
CA THR B 89 17.28 -4.55 7.87
C THR B 89 17.58 -3.60 9.03
N PRO B 90 18.86 -3.18 9.19
CA PRO B 90 19.20 -2.18 10.19
C PRO B 90 18.39 -0.88 10.09
N VAL B 91 18.09 -0.41 8.87
CA VAL B 91 17.44 0.92 8.68
C VAL B 91 16.01 0.87 9.22
N GLU B 92 15.32 -0.28 9.25
CA GLU B 92 13.95 -0.31 9.83
C GLU B 92 14.03 -0.01 11.32
N VAL B 93 15.10 -0.47 11.98
CA VAL B 93 15.30 -0.26 13.44
C VAL B 93 15.64 1.22 13.67
N GLU B 94 16.56 1.75 12.88
CA GLU B 94 17.01 3.17 12.96
C GLU B 94 15.80 4.08 12.72
N TYR B 95 14.97 3.77 11.72
CA TYR B 95 13.81 4.64 11.38
C TYR B 95 12.75 4.53 12.48
N ALA B 96 12.48 3.34 13.01
CA ALA B 96 11.52 3.16 14.12
C ALA B 96 11.99 3.97 15.33
N GLU B 97 13.30 3.96 15.61
CA GLU B 97 13.88 4.78 16.71
C GLU B 97 13.64 6.26 16.42
N ALA B 98 13.88 6.72 15.19
CA ALA B 98 13.73 8.14 14.80
C ALA B 98 12.26 8.58 14.97
N LEU B 99 11.32 7.76 14.50
CA LEU B 99 9.88 8.13 14.51
C LEU B 99 9.36 8.06 15.95
N SER B 100 9.71 7.00 16.70
CA SER B 100 9.30 6.83 18.11
C SER B 100 9.72 8.06 18.93
N ALA B 101 10.87 8.67 18.61
CA ALA B 101 11.43 9.83 19.34
C ALA B 101 10.55 11.08 19.17
N ARG B 102 9.66 11.12 18.17
CA ARG B 102 8.92 12.35 17.80
C ARG B 102 7.75 12.61 18.75
N ASN B 103 7.25 11.59 19.47
CA ASN B 103 6.10 11.76 20.39
C ASN B 103 6.12 10.64 21.44
N GLU B 104 5.85 11.00 22.70
CA GLU B 104 5.79 10.07 23.83
C GLU B 104 4.88 8.87 23.49
N THR B 105 3.76 9.09 22.80
CA THR B 105 2.74 8.03 22.56
C THR B 105 3.18 7.08 21.44
N PHE B 106 4.24 7.40 20.68
CA PHE B 106 4.72 6.56 19.56
C PHE B 106 5.65 5.46 20.09
N GLU B 107 5.22 4.71 21.09
CA GLU B 107 6.10 3.78 21.84
C GLU B 107 6.53 2.63 20.93
N HIS B 108 5.56 1.99 20.27
CA HIS B 108 5.80 0.88 19.30
C HIS B 108 5.22 1.28 17.95
N VAL B 109 5.97 1.02 16.88
CA VAL B 109 5.59 1.44 15.50
C VAL B 109 5.59 0.18 14.61
N ARG B 110 4.69 0.16 13.64
CA ARG B 110 4.81 -0.76 12.48
C ARG B 110 4.66 0.05 11.19
N PHE B 111 5.39 -0.36 10.17
CA PHE B 111 5.40 0.31 8.85
C PHE B 111 4.55 -0.45 7.86
N THR B 112 3.85 0.31 7.03
CA THR B 112 3.04 -0.15 5.89
C THR B 112 3.56 0.53 4.63
N SER B 113 2.97 0.26 3.48
CA SER B 113 3.37 0.90 2.20
C SER B 113 2.49 2.11 1.88
N SER B 114 1.51 2.43 2.71
CA SER B 114 0.62 3.59 2.47
C SER B 114 -0.11 4.00 3.75
N GLY B 115 -0.61 5.23 3.78
CA GLY B 115 -1.52 5.68 4.84
C GLY B 115 -2.81 4.89 4.83
N THR B 116 -3.27 4.51 3.64
CA THR B 116 -4.50 3.70 3.42
C THR B 116 -4.35 2.38 4.21
N GLU B 117 -3.23 1.68 4.00
CA GLU B 117 -2.93 0.42 4.74
C GLU B 117 -2.83 0.72 6.24
N ALA B 118 -2.14 1.79 6.61
CA ALA B 118 -1.88 2.10 8.04
C ALA B 118 -3.21 2.36 8.76
N VAL B 119 -4.13 3.10 8.14
CA VAL B 119 -5.48 3.37 8.75
C VAL B 119 -6.17 2.02 8.93
N MET B 120 -6.15 1.20 7.90
CA MET B 120 -6.81 -0.13 7.93
C MET B 120 -6.23 -0.95 9.09
N MET B 121 -4.90 -0.99 9.24
CA MET B 121 -4.27 -1.84 10.27
C MET B 121 -4.51 -1.25 11.67
N ALA B 122 -4.62 0.07 11.81
CA ALA B 122 -4.96 0.73 13.09
C ALA B 122 -6.37 0.32 13.52
N VAL B 123 -7.31 0.37 12.58
CA VAL B 123 -8.72 -0.05 12.83
C VAL B 123 -8.73 -1.54 13.20
N GLN B 124 -8.04 -2.38 12.45
CA GLN B 124 -7.95 -3.84 12.75
C GLN B 124 -7.34 -4.04 14.14
N ALA B 125 -6.33 -3.25 14.53
CA ALA B 125 -5.66 -3.37 15.84
C ALA B 125 -6.66 -3.05 16.96
N ALA B 126 -7.44 -1.97 16.82
CA ALA B 126 -8.46 -1.59 17.82
C ALA B 126 -9.51 -2.70 17.94
N ARG B 127 -9.95 -3.25 16.81
CA ARG B 127 -10.95 -4.35 16.78
C ARG B 127 -10.39 -5.62 17.45
N ALA B 128 -9.12 -5.96 17.19
CA ALA B 128 -8.46 -7.15 17.79
C ALA B 128 -8.26 -6.93 19.29
N TYR B 129 -7.88 -5.72 19.70
CA TYR B 129 -7.58 -5.37 21.11
C TYR B 129 -8.86 -5.42 21.95
N THR B 130 -9.95 -4.84 21.44
CA THR B 130 -11.23 -4.66 22.18
C THR B 130 -12.18 -5.82 21.91
N GLU B 131 -12.03 -6.52 20.79
CA GLU B 131 -12.97 -7.56 20.28
C GLU B 131 -14.37 -6.93 20.16
N ARG B 132 -14.44 -5.65 19.81
CA ARG B 132 -15.71 -4.94 19.51
C ARG B 132 -15.76 -4.60 18.03
N PRO B 133 -16.97 -4.60 17.42
CA PRO B 133 -17.11 -4.41 15.98
C PRO B 133 -17.12 -2.97 15.45
N LYS B 134 -17.65 -2.00 16.20
CA LYS B 134 -17.98 -0.67 15.62
C LYS B 134 -16.78 0.26 15.70
N ILE B 135 -16.68 1.16 14.73
CA ILE B 135 -15.75 2.32 14.74
C ILE B 135 -16.60 3.57 14.60
N ALA B 136 -16.13 4.67 15.20
CA ALA B 136 -16.71 6.01 15.01
C ALA B 136 -15.69 6.84 14.22
N LYS B 137 -16.18 7.60 13.25
CA LYS B 137 -15.33 8.54 12.48
C LYS B 137 -16.07 9.86 12.34
N ILE B 138 -15.35 10.89 11.90
CA ILE B 138 -15.89 12.25 11.68
C ILE B 138 -16.73 12.27 10.40
N ALA B 139 -17.91 12.88 10.45
CA ALA B 139 -18.73 13.19 9.26
C ALA B 139 -17.91 14.06 8.30
N GLY B 140 -17.63 13.53 7.10
CA GLY B 140 -17.00 14.27 5.98
C GLY B 140 -15.52 14.00 5.84
N ALA B 141 -14.85 13.47 6.87
CA ALA B 141 -13.38 13.28 6.90
C ALA B 141 -12.97 12.11 6.01
N TYR B 142 -11.91 12.30 5.24
CA TYR B 142 -11.35 11.26 4.33
C TYR B 142 -10.18 10.54 5.01
N HIS B 143 -10.15 9.21 4.91
CA HIS B 143 -9.12 8.33 5.52
C HIS B 143 -8.62 7.28 4.53
N GLY B 144 -8.81 7.49 3.23
CA GLY B 144 -8.39 6.54 2.18
C GLY B 144 -9.49 5.57 1.83
N ALA B 145 -9.18 4.56 1.01
CA ALA B 145 -10.16 3.73 0.29
C ALA B 145 -10.61 2.51 1.12
N TYR B 146 -9.98 2.20 2.25
CA TYR B 146 -10.39 1.03 3.08
C TYR B 146 -11.89 1.13 3.38
N ASP B 147 -12.63 0.05 3.13
CA ASP B 147 -14.11 0.14 3.06
CA ASP B 147 -14.12 -0.04 3.14
C ASP B 147 -14.71 0.60 4.40
N ALA B 148 -14.15 0.25 5.56
CA ALA B 148 -14.71 0.64 6.88
C ALA B 148 -14.64 2.16 7.07
N VAL B 149 -13.69 2.82 6.41
CA VAL B 149 -13.47 4.28 6.61
C VAL B 149 -13.89 5.07 5.36
N ALA B 150 -14.27 4.40 4.27
CA ALA B 150 -14.73 5.05 3.01
C ALA B 150 -16.24 5.34 3.13
N VAL B 151 -16.64 5.88 4.28
CA VAL B 151 -18.03 6.12 4.72
C VAL B 151 -18.09 7.60 5.13
N ASN B 152 -19.03 8.37 4.58
CA ASN B 152 -19.19 9.81 4.94
C ASN B 152 -17.83 10.51 4.85
N ASN B 153 -17.16 10.40 3.70
CA ASN B 153 -15.74 10.77 3.54
C ASN B 153 -15.59 11.81 2.42
N ASP B 154 -16.66 12.58 2.17
CA ASP B 154 -16.87 13.42 0.96
C ASP B 154 -17.01 14.90 1.35
N GLY B 155 -16.66 15.27 2.58
CA GLY B 155 -16.72 16.66 3.09
C GLY B 155 -18.11 17.07 3.58
N SER B 156 -19.12 16.18 3.49
CA SER B 156 -20.47 16.46 4.02
C SER B 156 -20.44 16.47 5.55
N GLY B 157 -21.21 17.35 6.19
CA GLY B 157 -21.40 17.37 7.65
C GLY B 157 -22.54 16.48 8.10
N ASN B 158 -23.27 15.86 7.18
CA ASN B 158 -24.45 14.99 7.49
C ASN B 158 -23.96 13.70 8.13
N LEU B 159 -24.70 13.21 9.13
CA LEU B 159 -24.38 11.96 9.88
C LEU B 159 -25.00 10.74 9.18
N ILE B 160 -25.98 10.95 8.29
CA ILE B 160 -26.67 9.84 7.57
C ILE B 160 -25.60 9.02 6.84
N SER B 161 -25.61 7.69 7.01
CA SER B 161 -24.70 6.74 6.31
C SER B 161 -24.68 7.05 4.81
N HIS B 162 -23.50 7.32 4.26
CA HIS B 162 -23.29 7.47 2.79
C HIS B 162 -21.95 6.84 2.42
N ALA B 163 -21.98 5.78 1.64
CA ALA B 163 -20.80 4.93 1.33
C ALA B 163 -20.63 4.81 -0.20
N VAL B 164 -19.50 4.27 -0.63
CA VAL B 164 -19.22 3.98 -2.07
C VAL B 164 -20.21 2.91 -2.54
N THR B 165 -20.66 3.01 -3.79
CA THR B 165 -21.51 1.98 -4.46
C THR B 165 -20.88 0.61 -4.23
N GLY B 166 -21.65 -0.34 -3.70
CA GLY B 166 -21.22 -1.74 -3.52
C GLY B 166 -20.68 -2.02 -2.13
N ASN B 167 -20.30 -1.00 -1.35
CA ASN B 167 -19.85 -1.21 0.05
C ASN B 167 -21.02 -1.82 0.82
N PRO B 168 -20.95 -3.09 1.27
CA PRO B 168 -22.11 -3.76 1.85
C PRO B 168 -22.56 -3.15 3.18
N GLU B 169 -23.84 -3.35 3.51
CA GLU B 169 -24.44 -2.99 4.82
C GLU B 169 -23.60 -3.60 5.96
N GLY B 170 -23.07 -4.81 5.78
CA GLY B 170 -22.22 -5.50 6.77
C GLY B 170 -21.03 -4.66 7.21
N VAL B 171 -20.46 -3.89 6.29
CA VAL B 171 -19.36 -2.92 6.59
C VAL B 171 -19.97 -1.62 7.14
N VAL B 172 -20.88 -1.01 6.37
CA VAL B 172 -21.37 0.38 6.60
C VAL B 172 -22.05 0.46 7.97
N ALA B 173 -22.79 -0.58 8.39
CA ALA B 173 -23.56 -0.59 9.67
C ALA B 173 -22.61 -0.51 10.88
N ASN B 174 -21.34 -0.89 10.71
CA ASN B 174 -20.35 -0.93 11.83
C ASN B 174 -19.49 0.34 11.86
N THR B 175 -19.73 1.31 10.99
CA THR B 175 -19.07 2.64 11.04
C THR B 175 -20.12 3.69 11.38
N VAL B 176 -20.00 4.29 12.55
CA VAL B 176 -20.91 5.38 13.01
C VAL B 176 -20.17 6.70 12.86
N VAL B 177 -20.94 7.78 12.74
CA VAL B 177 -20.45 9.10 12.25
C VAL B 177 -20.74 10.15 13.32
N ILE B 178 -19.73 10.94 13.70
CA ILE B 178 -19.86 12.02 14.73
C ILE B 178 -19.58 13.38 14.09
N PRO B 179 -20.25 14.43 14.61
CA PRO B 179 -20.03 15.79 14.12
C PRO B 179 -18.74 16.43 14.68
N PHE B 180 -17.87 16.87 13.78
CA PHE B 180 -16.56 17.50 14.12
C PHE B 180 -16.80 18.70 15.04
N ASN B 181 -16.04 18.76 16.14
CA ASN B 181 -15.96 19.91 17.08
C ASN B 181 -17.31 20.17 17.76
N ASP B 182 -18.21 19.18 17.79
CA ASP B 182 -19.49 19.25 18.53
C ASP B 182 -19.40 18.21 19.66
N PRO B 183 -18.95 18.61 20.88
CA PRO B 183 -18.76 17.66 21.98
C PRO B 183 -20.07 16.93 22.35
N GLU B 184 -21.15 17.68 22.54
CA GLU B 184 -22.47 17.14 22.99
C GLU B 184 -23.02 16.20 21.91
N GLY B 185 -23.03 16.65 20.64
CA GLY B 185 -23.53 15.87 19.49
C GLY B 185 -22.69 14.63 19.24
N SER B 186 -21.38 14.70 19.50
CA SER B 186 -20.46 13.54 19.37
C SER B 186 -20.74 12.54 20.49
N LEU B 187 -20.82 13.00 21.74
CA LEU B 187 -21.02 12.10 22.92
C LEU B 187 -22.39 11.40 22.82
N GLU B 188 -23.41 12.07 22.24
CA GLU B 188 -24.74 11.46 21.98
C GLU B 188 -24.57 10.16 21.19
N VAL B 189 -23.81 10.22 20.10
CA VAL B 189 -23.58 9.07 19.18
C VAL B 189 -22.69 8.04 19.90
N LEU B 190 -21.59 8.49 20.48
CA LEU B 190 -20.58 7.60 21.12
C LEU B 190 -21.22 6.85 22.29
N ARG B 191 -22.04 7.52 23.11
CA ARG B 191 -22.67 6.88 24.29
C ARG B 191 -23.63 5.79 23.83
N ARG B 192 -24.34 6.01 22.72
CA ARG B 192 -25.33 5.05 22.13
C ARG B 192 -24.63 3.74 21.76
N HIS B 193 -23.35 3.79 21.35
CA HIS B 193 -22.61 2.65 20.77
C HIS B 193 -21.48 2.18 21.70
N ALA B 194 -21.39 2.71 22.91
CA ALA B 194 -20.22 2.59 23.82
C ALA B 194 -19.81 1.12 23.97
N ASP B 195 -20.77 0.23 24.19
CA ASP B 195 -20.55 -1.21 24.49
C ASP B 195 -19.87 -1.90 23.28
N ASP B 196 -20.08 -1.39 22.07
CA ASP B 196 -19.69 -2.06 20.80
C ASP B 196 -18.63 -1.26 20.04
N LEU B 197 -18.09 -0.18 20.61
CA LEU B 197 -17.11 0.69 19.92
C LEU B 197 -15.69 0.21 20.19
N ALA B 198 -15.01 -0.29 19.15
CA ALA B 198 -13.57 -0.65 19.18
C ALA B 198 -12.72 0.63 19.25
N CYS B 199 -13.11 1.67 18.51
CA CYS B 199 -12.26 2.87 18.37
C CYS B 199 -13.08 4.10 17.96
N VAL B 200 -12.52 5.25 18.29
CA VAL B 200 -12.93 6.57 17.75
C VAL B 200 -11.77 7.04 16.87
N LEU B 201 -12.01 7.07 15.56
CA LEU B 201 -10.99 7.45 14.55
C LEU B 201 -11.21 8.92 14.20
N ILE B 202 -10.24 9.77 14.51
CA ILE B 202 -10.32 11.22 14.19
C ILE B 202 -9.12 11.59 13.32
N ASP B 203 -9.26 12.70 12.61
CA ASP B 203 -8.16 13.51 12.06
C ASP B 203 -8.23 14.82 12.82
N PRO B 204 -7.18 15.24 13.57
CA PRO B 204 -7.27 16.49 14.34
C PRO B 204 -7.38 17.74 13.46
N VAL B 205 -7.00 17.68 12.18
CA VAL B 205 -7.11 18.84 11.25
C VAL B 205 -7.57 18.34 9.89
N PRO B 206 -8.83 17.90 9.77
CA PRO B 206 -9.32 17.29 8.53
C PRO B 206 -9.49 18.29 7.37
N TRP B 207 -8.80 18.00 6.27
CA TRP B 207 -8.78 18.74 4.97
C TRP B 207 -10.19 18.92 4.43
N ARG B 208 -10.94 17.82 4.30
CA ARG B 208 -12.13 17.77 3.41
C ARG B 208 -13.27 18.59 4.01
N ILE B 209 -13.25 18.88 5.32
CA ILE B 209 -14.32 19.68 5.98
C ILE B 209 -13.79 21.07 6.40
N GLY B 210 -12.64 21.49 5.89
CA GLY B 210 -12.22 22.91 5.87
C GLY B 210 -10.84 23.17 6.44
N LEU B 211 -10.12 22.15 6.90
CA LEU B 211 -8.77 22.30 7.49
C LEU B 211 -8.85 23.23 8.71
N LEU B 212 -9.90 23.06 9.52
CA LEU B 212 -10.03 23.68 10.85
C LEU B 212 -9.58 22.67 11.89
N PRO B 213 -8.82 23.09 12.92
CA PRO B 213 -8.34 22.18 13.94
C PRO B 213 -9.44 21.76 14.94
N ALA B 214 -9.32 20.54 15.45
CA ALA B 214 -10.13 20.03 16.58
C ALA B 214 -9.96 20.96 17.77
N SER B 215 -11.06 21.31 18.44
CA SER B 215 -11.04 22.14 19.66
C SER B 215 -10.51 21.31 20.84
N LYS B 216 -9.89 21.97 21.81
CA LYS B 216 -9.48 21.37 23.11
C LYS B 216 -10.69 20.68 23.75
N GLU B 217 -11.85 21.33 23.73
CA GLU B 217 -13.09 20.83 24.37
C GLU B 217 -13.52 19.52 23.71
N TRP B 218 -13.50 19.45 22.39
CA TRP B 218 -13.92 18.25 21.61
C TRP B 218 -12.91 17.12 21.86
N LEU B 219 -11.60 17.40 21.77
CA LEU B 219 -10.54 16.39 22.01
C LEU B 219 -10.64 15.86 23.45
N ASP B 220 -10.84 16.75 24.43
CA ASP B 220 -11.01 16.37 25.85
C ASP B 220 -12.20 15.42 25.99
N ALA B 221 -13.33 15.74 25.34
CA ALA B 221 -14.57 14.93 25.40
C ALA B 221 -14.30 13.52 24.86
N LEU B 222 -13.62 13.41 23.72
CA LEU B 222 -13.31 12.09 23.10
C LEU B 222 -12.32 11.32 23.96
N ARG B 223 -11.29 11.97 24.49
CA ARG B 223 -10.26 11.35 25.37
C ARG B 223 -10.93 10.76 26.60
N GLU B 224 -11.78 11.55 27.26
CA GLU B 224 -12.56 11.12 28.47
C GLU B 224 -13.46 9.94 28.11
N PHE B 225 -14.16 10.01 26.96
CA PHE B 225 -15.10 8.95 26.51
C PHE B 225 -14.34 7.65 26.24
N CYS B 226 -13.21 7.73 25.55
CA CYS B 226 -12.36 6.54 25.25
C CYS B 226 -11.84 5.92 26.55
N ASP B 227 -11.39 6.75 27.50
CA ASP B 227 -10.89 6.30 28.82
C ASP B 227 -12.02 5.57 29.56
N ALA B 228 -13.24 6.11 29.54
CA ALA B 228 -14.40 5.57 30.27
C ALA B 228 -14.93 4.30 29.59
N SER B 229 -14.93 4.22 28.26
CA SER B 229 -15.61 3.16 27.47
C SER B 229 -14.66 2.02 27.09
N GLY B 230 -13.35 2.29 27.06
CA GLY B 230 -12.33 1.32 26.59
C GLY B 230 -12.14 1.38 25.08
N ALA B 231 -12.88 2.23 24.38
CA ALA B 231 -12.66 2.49 22.94
C ALA B 231 -11.26 3.06 22.76
N VAL B 232 -10.57 2.65 21.69
CA VAL B 232 -9.19 3.12 21.37
C VAL B 232 -9.32 4.46 20.63
N LEU B 233 -8.62 5.49 21.09
CA LEU B 233 -8.58 6.80 20.40
C LEU B 233 -7.49 6.75 19.35
N ILE B 234 -7.88 6.74 18.07
CA ILE B 234 -6.95 6.70 16.91
C ILE B 234 -6.94 8.07 16.26
N SER B 235 -5.77 8.72 16.22
CA SER B 235 -5.54 9.98 15.50
C SER B 235 -4.91 9.66 14.15
N ASP B 236 -5.66 9.84 13.06
CA ASP B 236 -5.15 9.71 11.67
C ASP B 236 -4.50 11.02 11.27
N GLU B 237 -3.16 11.05 11.35
CA GLU B 237 -2.33 12.25 11.07
C GLU B 237 -1.55 12.02 9.77
N VAL B 238 -2.04 11.16 8.88
CA VAL B 238 -1.33 10.92 7.59
C VAL B 238 -1.14 12.29 6.90
N GLY B 239 -2.16 13.16 6.94
CA GLY B 239 -2.08 14.53 6.38
C GLY B 239 -1.70 15.56 7.43
N SER B 240 -2.27 15.47 8.63
CA SER B 240 -2.23 16.58 9.61
C SER B 240 -0.99 16.53 10.51
N TYR B 241 -0.23 15.44 10.51
CA TYR B 241 0.96 15.28 11.40
C TYR B 241 1.83 16.55 11.34
N ARG B 242 2.06 17.06 10.14
CA ARG B 242 3.08 18.11 9.87
C ARG B 242 2.74 19.43 10.56
N VAL B 243 1.52 19.63 11.08
CA VAL B 243 1.15 20.94 11.71
C VAL B 243 1.97 21.14 12.99
N GLY B 244 2.44 20.05 13.62
CA GLY B 244 3.17 20.12 14.91
C GLY B 244 4.46 19.34 14.83
N TYR B 245 5.49 19.77 15.56
CA TYR B 245 6.80 19.07 15.57
CA TYR B 245 6.80 19.07 15.57
C TYR B 245 6.64 17.68 16.19
N HIS B 246 5.66 17.50 17.08
CA HIS B 246 5.33 16.20 17.74
C HIS B 246 3.99 15.68 17.22
N GLY B 247 3.55 16.16 16.07
CA GLY B 247 2.26 15.77 15.46
C GLY B 247 1.12 16.67 15.88
N ALA B 248 -0.07 16.39 15.36
CA ALA B 248 -1.26 17.25 15.47
C ALA B 248 -1.85 17.17 16.88
N MET B 249 -2.06 15.97 17.42
CA MET B 249 -2.69 15.82 18.76
C MET B 249 -1.88 16.60 19.80
N GLN B 250 -0.56 16.46 19.79
CA GLN B 250 0.33 17.11 20.79
C GLN B 250 0.20 18.64 20.66
N LEU B 251 0.20 19.16 19.44
CA LEU B 251 0.07 20.62 19.19
C LEU B 251 -1.23 21.13 19.82
N LEU B 252 -2.32 20.37 19.71
CA LEU B 252 -3.67 20.80 20.14
C LEU B 252 -3.94 20.40 21.59
N GLY B 253 -2.95 19.80 22.28
CA GLY B 253 -2.98 19.55 23.74
C GLY B 253 -3.60 18.22 24.11
N ALA B 254 -3.52 17.21 23.24
CA ALA B 254 -4.15 15.89 23.46
C ALA B 254 -3.17 14.75 23.18
N GLU B 255 -3.56 13.55 23.60
CA GLU B 255 -2.80 12.28 23.49
C GLU B 255 -3.67 11.23 22.79
N ALA B 256 -3.20 10.65 21.69
CA ALA B 256 -3.83 9.48 21.04
C ALA B 256 -3.34 8.19 21.73
N ASP B 257 -4.13 7.12 21.59
CA ASP B 257 -3.71 5.74 21.93
C ASP B 257 -2.87 5.17 20.78
N ILE B 258 -3.34 5.38 19.54
CA ILE B 258 -2.64 4.99 18.28
C ILE B 258 -2.67 6.21 17.36
N THR B 259 -1.56 6.50 16.70
CA THR B 259 -1.48 7.55 15.66
C THR B 259 -1.15 6.86 14.34
N VAL B 260 -1.89 7.24 13.29
CA VAL B 260 -1.60 6.81 11.90
C VAL B 260 -0.81 7.93 11.24
N MET B 261 0.31 7.58 10.61
CA MET B 261 1.14 8.58 9.91
C MET B 261 1.50 8.08 8.52
N GLY B 262 1.93 9.02 7.69
CA GLY B 262 2.39 8.76 6.33
C GLY B 262 2.92 10.04 5.74
N LYS B 263 2.81 10.18 4.42
N LYS B 263 2.82 10.17 4.42
CA LYS B 263 3.16 11.41 3.66
CA LYS B 263 3.19 11.39 3.65
C LYS B 263 4.51 11.95 4.13
C LYS B 263 4.53 11.95 4.14
N VAL B 264 4.53 13.01 4.94
CA VAL B 264 5.79 13.76 5.26
C VAL B 264 6.79 12.88 6.01
N ILE B 265 6.37 11.80 6.68
CA ILE B 265 7.35 11.01 7.49
C ILE B 265 8.39 10.35 6.57
N ALA B 266 8.11 10.17 5.28
CA ALA B 266 9.14 9.75 4.30
C ALA B 266 9.27 10.75 3.14
N ALA B 267 8.40 11.76 3.04
CA ALA B 267 8.56 12.92 2.15
C ALA B 267 8.75 12.49 0.69
N GLY B 268 8.07 11.42 0.25
CA GLY B 268 7.93 11.12 -1.18
C GLY B 268 7.93 9.64 -1.54
N MET B 269 8.48 8.75 -0.71
CA MET B 269 8.52 7.30 -1.00
C MET B 269 7.36 6.61 -0.29
N PRO B 270 6.86 5.48 -0.82
CA PRO B 270 5.66 4.86 -0.28
C PRO B 270 5.86 4.42 1.18
N ILE B 271 4.97 4.90 2.06
N ILE B 271 4.98 4.90 2.05
CA ILE B 271 5.10 4.72 3.53
CA ILE B 271 5.05 4.55 3.50
C ILE B 271 3.72 4.88 4.20
C ILE B 271 3.71 4.83 4.17
N GLY B 272 3.51 4.15 5.29
CA GLY B 272 2.53 4.49 6.32
C GLY B 272 3.10 3.98 7.62
N ALA B 273 2.57 4.43 8.74
CA ALA B 273 3.03 3.95 10.06
C ALA B 273 1.83 3.93 11.01
N VAL B 274 1.80 2.89 11.83
CA VAL B 274 0.89 2.78 13.00
C VAL B 274 1.79 2.90 14.23
N ALA B 275 1.59 3.94 15.04
CA ALA B 275 2.49 4.24 16.18
C ALA B 275 1.64 4.46 17.43
N GLY B 276 1.79 3.63 18.46
CA GLY B 276 0.92 3.75 19.64
C GLY B 276 1.53 3.19 20.91
N ARG B 277 0.77 3.30 22.00
CA ARG B 277 1.16 2.77 23.32
C ARG B 277 1.32 1.25 23.19
N ARG B 278 2.28 0.68 23.93
CA ARG B 278 2.65 -0.76 23.83
C ARG B 278 1.41 -1.65 23.91
N ARG B 279 0.49 -1.38 24.85
CA ARG B 279 -0.63 -2.32 25.11
C ARG B 279 -1.51 -2.45 23.86
N PHE B 280 -1.74 -1.36 23.12
CA PHE B 280 -2.62 -1.36 21.91
C PHE B 280 -1.87 -2.06 20.77
N MET B 281 -0.56 -1.83 20.68
CA MET B 281 0.28 -2.38 19.59
C MET B 281 0.60 -3.86 19.86
N SER B 282 0.32 -4.36 21.07
CA SER B 282 0.69 -5.74 21.48
C SER B 282 -0.06 -6.78 20.64
N VAL B 283 -1.20 -6.43 20.03
CA VAL B 283 -1.98 -7.35 19.15
C VAL B 283 -1.09 -7.82 17.98
N PHE B 284 -0.10 -7.02 17.59
CA PHE B 284 0.80 -7.33 16.44
C PHE B 284 2.00 -8.19 16.86
N ASP B 285 2.28 -8.29 18.16
CA ASP B 285 3.53 -8.91 18.68
C ASP B 285 3.51 -10.40 18.34
N PRO B 286 4.44 -10.90 17.48
CA PRO B 286 4.50 -12.32 17.15
C PRO B 286 5.53 -13.14 17.94
N SER B 287 6.12 -12.55 18.99
CA SER B 287 7.31 -13.10 19.69
C SER B 287 6.91 -14.04 20.83
N LYS B 288 5.63 -14.07 21.21
CA LYS B 288 5.08 -14.88 22.33
C LYS B 288 3.98 -15.80 21.77
N GLY B 289 4.27 -16.50 20.67
CA GLY B 289 3.30 -17.32 19.91
C GLY B 289 2.62 -16.50 18.83
N LYS B 290 1.60 -17.07 18.19
CA LYS B 290 0.90 -16.45 17.04
C LYS B 290 0.35 -15.10 17.51
N PRO B 291 0.51 -14.02 16.72
CA PRO B 291 -0.02 -12.72 17.11
C PRO B 291 -1.55 -12.72 16.99
N ALA B 292 -2.23 -11.90 17.78
CA ALA B 292 -3.69 -11.68 17.65
C ALA B 292 -3.98 -11.12 16.27
N LEU B 293 -3.10 -10.26 15.76
CA LEU B 293 -3.29 -9.57 14.46
C LEU B 293 -2.05 -9.78 13.60
N PRO B 294 -2.08 -10.76 12.67
CA PRO B 294 -1.05 -10.91 11.66
C PRO B 294 -1.06 -9.65 10.80
N HIS B 295 0.11 -9.16 10.46
CA HIS B 295 0.28 -7.96 9.60
C HIS B 295 1.57 -8.11 8.80
N SER B 296 1.44 -8.57 7.56
CA SER B 296 2.59 -8.69 6.64
C SER B 296 2.45 -7.63 5.53
N GLY B 297 3.15 -7.81 4.42
CA GLY B 297 3.18 -6.85 3.30
C GLY B 297 4.57 -6.81 2.71
N SER B 298 4.67 -7.02 1.39
CA SER B 298 5.95 -7.25 0.68
C SER B 298 6.94 -6.09 0.88
N TYR B 299 6.43 -4.87 1.03
CA TYR B 299 7.29 -3.64 1.09
C TYR B 299 7.26 -3.04 2.49
N ASN B 300 6.66 -3.71 3.48
CA ASN B 300 6.70 -3.21 4.88
C ASN B 300 8.16 -3.01 5.28
N ALA B 301 8.50 -1.81 5.73
CA ALA B 301 9.84 -1.49 6.30
C ALA B 301 10.92 -1.70 5.24
N ASN B 302 10.60 -1.61 3.95
CA ASN B 302 11.61 -1.80 2.89
C ASN B 302 12.68 -0.72 3.09
N PRO B 303 13.97 -1.05 2.90
CA PRO B 303 15.06 -0.13 3.23
C PRO B 303 15.07 1.17 2.42
N VAL B 304 14.41 1.20 1.26
CA VAL B 304 14.37 2.44 0.43
C VAL B 304 13.42 3.43 1.14
N SER B 305 12.22 3.00 1.50
CA SER B 305 11.27 3.83 2.27
C SER B 305 11.85 4.19 3.64
N MET B 306 12.54 3.26 4.31
CA MET B 306 13.14 3.53 5.65
C MET B 306 14.23 4.61 5.50
N SER B 307 15.07 4.53 4.47
CA SER B 307 16.15 5.51 4.21
C SER B 307 15.53 6.88 3.86
N SER B 308 14.45 6.89 3.09
CA SER B 308 13.69 8.12 2.76
C SER B 308 13.18 8.74 4.07
N GLY B 309 12.65 7.91 4.97
CA GLY B 309 12.11 8.31 6.27
C GLY B 309 13.19 8.91 7.17
N ILE B 310 14.32 8.23 7.30
CA ILE B 310 15.44 8.71 8.14
C ILE B 310 15.87 10.10 7.64
N ALA B 311 16.05 10.27 6.33
CA ALA B 311 16.46 11.55 5.71
C ALA B 311 15.39 12.61 5.95
N SER B 312 14.12 12.28 5.75
CA SER B 312 13.01 13.25 5.92
C SER B 312 12.99 13.77 7.35
N LEU B 313 13.00 12.87 8.33
CA LEU B 313 12.92 13.29 9.76
C LEU B 313 14.18 14.08 10.12
N ARG B 314 15.35 13.69 9.59
CA ARG B 314 16.62 14.41 9.90
C ARG B 314 16.51 15.85 9.38
N LEU B 315 15.95 16.04 8.18
CA LEU B 315 15.83 17.38 7.53
C LEU B 315 14.70 18.18 8.19
N LEU B 316 13.74 17.51 8.82
CA LEU B 316 12.60 18.17 9.51
C LEU B 316 13.05 18.52 10.93
N THR B 317 13.90 19.53 11.04
CA THR B 317 14.45 20.07 12.31
C THR B 317 13.41 21.00 12.91
N PRO B 318 13.50 21.32 14.22
CA PRO B 318 12.63 22.35 14.81
C PRO B 318 12.73 23.67 14.05
N GLN B 319 13.92 24.04 13.57
CA GLN B 319 14.16 25.32 12.84
C GLN B 319 13.43 25.26 11.48
N ALA B 320 13.53 24.15 10.76
CA ALA B 320 12.86 23.98 9.45
C ALA B 320 11.34 24.03 9.66
N HIS B 321 10.83 23.38 10.71
CA HIS B 321 9.39 23.39 11.10
C HIS B 321 8.93 24.83 11.33
N GLU B 322 9.67 25.58 12.14
CA GLU B 322 9.32 26.99 12.50
C GLU B 322 9.29 27.83 11.22
N ARG B 323 10.27 27.64 10.33
CA ARG B 323 10.43 28.48 9.11
C ARG B 323 9.26 28.24 8.16
N ILE B 324 8.89 26.99 7.88
CA ILE B 324 7.75 26.71 6.96
C ILE B 324 6.44 27.17 7.62
N GLY B 325 6.35 27.17 8.95
CA GLY B 325 5.20 27.71 9.69
C GLY B 325 5.06 29.21 9.48
N GLN B 326 6.18 29.93 9.54
CA GLN B 326 6.20 31.40 9.32
C GLN B 326 5.80 31.70 7.87
N LEU B 327 6.34 30.96 6.90
CA LEU B 327 5.99 31.14 5.46
C LEU B 327 4.51 30.81 5.25
N GLY B 328 3.98 29.78 5.92
CA GLY B 328 2.55 29.44 5.86
C GLY B 328 1.67 30.57 6.38
N GLU B 329 2.04 31.16 7.52
CA GLU B 329 1.30 32.31 8.13
C GLU B 329 1.30 33.48 7.14
N GLN B 330 2.44 33.75 6.51
CA GLN B 330 2.60 34.86 5.51
C GLN B 330 1.71 34.58 4.30
N ALA B 331 1.74 33.35 3.77
CA ALA B 331 0.92 32.94 2.60
C ALA B 331 -0.56 33.12 2.92
N ARG B 332 -1.01 32.66 4.09
CA ARG B 332 -2.44 32.74 4.49
C ARG B 332 -2.85 34.20 4.60
N GLY B 333 -2.02 35.03 5.23
CA GLY B 333 -2.25 36.48 5.38
C GLY B 333 -2.42 37.17 4.04
N SER B 334 -1.53 36.90 3.08
CA SER B 334 -1.54 37.49 1.71
C SER B 334 -2.79 37.04 0.95
N MET B 335 -3.21 35.78 1.10
CA MET B 335 -4.43 35.28 0.41
C MET B 335 -5.67 35.97 0.98
N ARG B 336 -5.77 36.12 2.30
CA ARG B 336 -6.90 36.83 2.96
C ARG B 336 -6.96 38.26 2.44
N THR B 337 -5.81 38.95 2.33
CA THR B 337 -5.71 40.34 1.82
C THR B 337 -6.27 40.38 0.39
N ALA B 338 -5.80 39.49 -0.48
CA ALA B 338 -6.16 39.42 -1.92
C ALA B 338 -7.66 39.13 -2.07
N LEU B 339 -8.19 38.19 -1.28
CA LEU B 339 -9.64 37.83 -1.33
C LEU B 339 -10.48 39.04 -0.90
N GLY B 340 -10.07 39.74 0.17
CA GLY B 340 -10.73 40.95 0.66
C GLY B 340 -10.74 42.05 -0.38
N GLU B 341 -9.59 42.31 -1.00
CA GLU B 341 -9.43 43.38 -2.03
C GLU B 341 -10.27 43.04 -3.27
N ALA B 342 -10.46 41.75 -3.56
CA ALA B 342 -11.26 41.25 -4.72
C ALA B 342 -12.76 41.27 -4.38
N GLY B 343 -13.13 41.48 -3.12
CA GLY B 343 -14.53 41.57 -2.66
C GLY B 343 -15.18 40.20 -2.51
N LEU B 344 -14.40 39.15 -2.25
CA LEU B 344 -14.95 37.77 -2.04
C LEU B 344 -15.05 37.50 -0.53
N ASP B 345 -16.06 36.71 -0.13
CA ASP B 345 -16.30 36.33 1.29
C ASP B 345 -15.56 35.02 1.61
N TRP B 346 -14.64 34.62 0.74
CA TRP B 346 -13.92 33.32 0.86
C TRP B 346 -12.98 33.38 2.07
N GLU B 347 -12.78 32.25 2.73
CA GLU B 347 -11.91 32.16 3.93
C GLU B 347 -10.62 31.43 3.58
N VAL B 348 -9.60 31.65 4.39
CA VAL B 348 -8.32 30.90 4.32
C VAL B 348 -8.11 30.26 5.69
N ASN B 349 -8.07 28.93 5.72
CA ASN B 349 -7.85 28.15 6.96
C ASN B 349 -6.47 27.51 6.89
N GLY B 350 -6.00 27.00 8.02
CA GLY B 350 -4.75 26.22 8.09
C GLY B 350 -3.94 26.56 9.31
N LEU B 351 -3.05 25.62 9.66
CA LEU B 351 -2.05 25.72 10.74
C LEU B 351 -0.68 25.52 10.10
N GLY B 352 0.35 26.17 10.65
CA GLY B 352 1.75 25.88 10.24
C GLY B 352 1.91 26.04 8.74
N SER B 353 2.41 25.00 8.07
CA SER B 353 2.77 25.04 6.63
C SER B 353 1.59 24.63 5.75
N LEU B 354 0.40 24.37 6.32
CA LEU B 354 -0.81 23.98 5.54
C LEU B 354 -1.73 25.19 5.39
N PHE B 355 -2.39 25.28 4.24
CA PHE B 355 -3.49 26.26 4.05
C PHE B 355 -4.56 25.64 3.16
N ARG B 356 -5.77 26.17 3.29
CA ARG B 356 -6.87 25.87 2.35
C ARG B 356 -7.67 27.14 2.11
N VAL B 357 -7.80 27.53 0.84
CA VAL B 357 -8.81 28.51 0.38
C VAL B 357 -10.15 27.80 0.41
N VAL B 358 -11.10 28.27 1.24
CA VAL B 358 -12.47 27.70 1.32
C VAL B 358 -13.42 28.68 0.63
N ALA B 359 -13.82 28.35 -0.59
CA ALA B 359 -14.74 29.17 -1.40
C ALA B 359 -16.12 29.12 -0.75
N ASN B 360 -16.72 30.29 -0.54
N ASN B 360 -16.72 30.29 -0.51
CA ASN B 360 -18.03 30.47 0.13
CA ASN B 360 -18.07 30.39 0.11
C ASN B 360 -19.08 30.83 -0.93
C ASN B 360 -19.08 30.81 -0.97
N SER B 361 -19.20 32.11 -1.26
CA SER B 361 -20.19 32.63 -2.24
C SER B 361 -19.61 32.55 -3.65
N ALA B 362 -20.32 31.89 -4.57
CA ALA B 362 -19.96 31.81 -6.00
C ALA B 362 -20.05 33.21 -6.62
N PRO B 363 -18.98 33.73 -7.25
CA PRO B 363 -19.07 35.01 -7.94
C PRO B 363 -19.85 34.84 -9.26
N ALA B 364 -20.23 35.96 -9.88
CA ALA B 364 -21.01 36.00 -11.14
C ALA B 364 -20.33 35.09 -12.18
N GLY B 365 -21.12 34.23 -12.84
CA GLY B 365 -20.68 33.40 -13.97
C GLY B 365 -20.23 32.01 -13.56
N TYR B 366 -20.31 31.66 -12.28
CA TYR B 366 -19.97 30.32 -11.74
C TYR B 366 -21.20 29.73 -11.04
N ASP B 367 -21.53 28.48 -11.37
CA ASP B 367 -22.73 27.75 -10.88
C ASP B 367 -22.56 27.38 -9.40
N SER B 368 -21.33 27.28 -8.91
CA SER B 368 -21.01 26.86 -7.51
C SER B 368 -19.70 27.49 -7.05
N ALA B 369 -19.49 27.53 -5.74
CA ALA B 369 -18.21 27.89 -5.08
C ALA B 369 -17.11 26.95 -5.59
N ALA B 370 -17.41 25.64 -5.67
CA ALA B 370 -16.45 24.60 -6.11
C ALA B 370 -15.99 24.88 -7.55
N ALA B 371 -16.88 25.32 -8.43
CA ALA B 371 -16.57 25.63 -9.84
C ALA B 371 -15.66 26.87 -9.92
N ALA B 372 -15.92 27.87 -9.07
CA ALA B 372 -15.10 29.10 -8.96
C ALA B 372 -13.69 28.73 -8.49
N MET B 373 -13.59 27.82 -7.52
CA MET B 373 -12.28 27.38 -6.97
C MET B 373 -11.52 26.58 -8.05
N LYS B 374 -12.21 25.73 -8.82
CA LYS B 374 -11.60 24.97 -9.94
C LYS B 374 -11.04 25.96 -10.98
N ALA B 375 -11.78 27.03 -11.27
CA ALA B 375 -11.35 28.09 -12.23
C ALA B 375 -10.08 28.77 -11.69
N LEU B 376 -10.02 29.05 -10.38
CA LEU B 376 -8.83 29.67 -9.74
C LEU B 376 -7.64 28.72 -9.83
N TYR B 377 -7.86 27.43 -9.63
CA TYR B 377 -6.84 26.36 -9.78
C TYR B 377 -6.23 26.46 -11.18
N TRP B 378 -7.06 26.51 -12.22
CA TRP B 378 -6.60 26.56 -13.63
C TRP B 378 -5.89 27.89 -13.92
N LYS B 379 -6.40 29.01 -13.40
CA LYS B 379 -5.76 30.35 -13.60
C LYS B 379 -4.39 30.37 -12.90
N LEU B 380 -4.29 29.78 -11.71
CA LEU B 380 -2.99 29.71 -10.99
C LEU B 380 -1.99 28.89 -11.82
N LEU B 381 -2.43 27.78 -12.43
CA LEU B 381 -1.58 26.98 -13.35
C LEU B 381 -1.03 27.88 -14.46
N GLU B 382 -1.94 28.62 -15.12
N GLU B 382 -1.93 28.61 -15.14
CA GLU B 382 -1.60 29.56 -16.21
CA GLU B 382 -1.56 29.56 -16.22
C GLU B 382 -0.57 30.59 -15.72
C GLU B 382 -0.50 30.53 -15.70
N ASN B 383 -0.64 30.98 -14.44
CA ASN B 383 0.25 32.00 -13.82
C ASN B 383 1.39 31.37 -13.02
N GLY B 384 1.75 30.11 -13.28
CA GLY B 384 3.00 29.48 -12.82
C GLY B 384 2.93 28.88 -11.44
N ILE B 385 1.75 28.46 -10.98
CA ILE B 385 1.53 27.93 -9.59
C ILE B 385 0.67 26.67 -9.62
N HIS B 386 1.09 25.61 -8.91
CA HIS B 386 0.25 24.43 -8.62
C HIS B 386 -0.34 24.55 -7.21
N ILE B 387 -1.67 24.57 -7.09
CA ILE B 387 -2.36 24.29 -5.80
C ILE B 387 -3.36 23.16 -6.04
N GLY B 388 -4.11 22.77 -5.00
CA GLY B 388 -5.22 21.81 -5.11
C GLY B 388 -6.44 22.46 -5.74
N ASP B 389 -7.24 21.68 -6.47
CA ASP B 389 -8.41 22.20 -7.22
C ASP B 389 -9.56 22.54 -6.26
N SER B 390 -9.44 22.24 -4.96
CA SER B 390 -10.42 22.67 -3.94
C SER B 390 -9.76 23.58 -2.89
N GLY B 391 -8.58 24.13 -3.20
CA GLY B 391 -7.98 25.26 -2.47
C GLY B 391 -6.86 24.86 -1.50
N LEU B 392 -6.51 23.56 -1.39
CA LEU B 392 -5.45 23.09 -0.47
C LEU B 392 -4.08 23.50 -1.03
N GLY B 393 -3.21 23.97 -0.16
CA GLY B 393 -1.80 24.22 -0.50
C GLY B 393 -0.91 24.01 0.70
N CYS B 394 0.39 23.99 0.47
CA CYS B 394 1.37 23.83 1.57
C CYS B 394 2.73 24.37 1.18
N ILE B 395 3.51 24.68 2.21
CA ILE B 395 4.91 25.17 2.10
C ILE B 395 5.83 23.95 2.09
N SER B 396 6.90 24.02 1.32
CA SER B 396 7.99 23.01 1.34
C SER B 396 9.26 23.67 1.87
N THR B 397 10.18 22.88 2.44
CA THR B 397 11.39 23.41 3.10
C THR B 397 12.30 24.13 2.09
N PRO B 398 12.35 23.79 0.78
CA PRO B 398 13.15 24.58 -0.15
C PRO B 398 12.65 26.01 -0.39
N MET B 399 11.39 26.31 -0.04
CA MET B 399 10.79 27.64 -0.30
C MET B 399 11.43 28.69 0.61
N GLY B 400 11.51 29.91 0.09
CA GLY B 400 11.88 31.12 0.85
C GLY B 400 10.86 32.22 0.63
N GLU B 401 11.18 33.42 1.10
CA GLU B 401 10.33 34.63 0.96
C GLU B 401 9.95 34.84 -0.51
N GLU B 402 10.87 34.57 -1.44
CA GLU B 402 10.69 34.87 -2.88
C GLU B 402 9.54 34.04 -3.46
N GLU B 403 9.46 32.75 -3.08
CA GLU B 403 8.39 31.85 -3.60
C GLU B 403 7.03 32.34 -3.11
N ILE B 404 6.94 32.66 -1.81
N ILE B 404 6.89 32.71 -1.83
CA ILE B 404 5.71 33.18 -1.14
CA ILE B 404 5.57 33.12 -1.28
C ILE B 404 5.30 34.48 -1.83
C ILE B 404 5.25 34.55 -1.74
N ALA B 405 6.25 35.39 -2.05
CA ALA B 405 6.02 36.70 -2.70
C ALA B 405 5.48 36.46 -4.11
N GLU B 406 6.08 35.53 -4.87
CA GLU B 406 5.63 35.22 -6.25
C GLU B 406 4.22 34.62 -6.21
N TYR B 407 3.96 33.76 -5.24
CA TYR B 407 2.62 33.15 -5.04
C TYR B 407 1.58 34.27 -4.84
N ALA B 408 1.87 35.24 -3.98
CA ALA B 408 0.95 36.36 -3.64
C ALA B 408 0.59 37.14 -4.91
N VAL B 409 1.57 37.41 -5.78
CA VAL B 409 1.35 38.13 -7.07
C VAL B 409 0.46 37.28 -7.97
N ALA B 410 0.79 36.00 -8.17
CA ALA B 410 0.03 35.08 -9.04
C ALA B 410 -1.40 34.90 -8.51
N PHE B 411 -1.58 34.84 -7.18
CA PHE B 411 -2.89 34.64 -6.54
C PHE B 411 -3.81 35.84 -6.84
N ALA B 412 -3.35 37.06 -6.58
CA ALA B 412 -4.11 38.31 -6.86
C ALA B 412 -4.46 38.38 -8.36
N LYS B 413 -3.49 38.11 -9.23
CA LYS B 413 -3.71 38.18 -10.71
C LYS B 413 -4.76 37.14 -11.09
N SER B 414 -4.62 35.91 -10.59
CA SER B 414 -5.51 34.77 -10.92
C SER B 414 -6.94 35.07 -10.44
N LEU B 415 -7.13 35.61 -9.23
CA LEU B 415 -8.46 36.01 -8.71
C LEU B 415 -9.11 36.97 -9.71
N GLY B 416 -8.39 38.01 -10.10
CA GLY B 416 -8.87 39.03 -11.05
C GLY B 416 -9.36 38.40 -12.34
N GLN B 417 -8.61 37.45 -12.89
CA GLN B 417 -8.91 36.80 -14.19
C GLN B 417 -10.15 35.91 -14.03
N VAL B 418 -10.23 35.13 -12.94
CA VAL B 418 -11.41 34.26 -12.63
C VAL B 418 -12.67 35.14 -12.63
N LEU B 419 -12.62 36.27 -11.93
CA LEU B 419 -13.80 37.14 -11.75
C LEU B 419 -14.17 37.78 -13.08
N ALA B 420 -13.19 38.30 -13.82
CA ALA B 420 -13.39 38.96 -15.13
C ALA B 420 -14.02 37.97 -16.13
N GLU B 421 -13.54 36.72 -16.16
CA GLU B 421 -14.04 35.68 -17.11
C GLU B 421 -15.49 35.30 -16.76
N GLY B 422 -15.85 35.31 -15.48
CA GLY B 422 -17.22 35.04 -14.99
C GLY B 422 -18.21 36.09 -15.47
N ARG B 423 -17.74 37.32 -15.68
CA ARG B 423 -18.57 38.49 -16.13
C ARG B 423 -18.50 38.66 -17.65
N ALA B 424 -17.57 37.97 -18.32
CA ALA B 424 -17.30 38.10 -19.77
C ALA B 424 -18.55 37.70 -20.57
S SO4 C . 8.45 -30.57 -12.25
O1 SO4 C . 8.60 -29.48 -13.16
O2 SO4 C . 9.06 -31.74 -12.80
O3 SO4 C . 7.06 -30.83 -12.02
O4 SO4 C . 9.09 -30.25 -11.00
OAG LUH D . 0.66 -6.32 -0.18
PBC LUH D . 1.55 -7.26 -1.06
OAH LUH D . 2.61 -7.99 -0.12
OAE LUH D . 2.18 -6.55 -2.22
OAT LUH D . 0.54 -8.38 -1.66
CAK LUH D . -0.35 -9.14 -0.84
CAX LUH D . -0.72 -10.34 -1.48
CAJ LUH D . -1.96 -10.43 -2.10
NAO LUH D . -2.35 -11.61 -2.76
CAW LUH D . -1.55 -12.69 -2.78
CAA LUH D . -2.01 -13.85 -3.44
CAY LUH D . -0.29 -12.59 -2.17
OAF LUH D . 0.53 -13.66 -2.22
CAZ LUH D . 0.15 -11.44 -1.50
CAI LUH D . 1.39 -11.25 -0.89
NAN LUH D . 1.94 -11.99 0.08
OAS LUH D . 1.40 -13.08 0.58
CAM LUH D . 2.35 -13.57 1.55
CBB LUH D . 2.98 -14.85 1.00
CAV LUH D . 3.78 -15.46 1.97
OAD LUH D . 4.84 -14.94 2.33
N LUH D . 3.42 -16.68 2.57
NAQ LUH D . 1.84 -15.67 0.54
C LUH D . 1.45 -16.86 1.16
O LUH D . 0.46 -17.44 0.73
CA LUH D . 2.16 -17.39 2.25
CB LUH D . 1.25 -17.37 3.45
OAR LUH D . 1.19 -16.01 3.89
NAB LUH D . 1.83 -15.57 5.07
S SO4 E . 8.85 -19.21 14.66
O1 SO4 E . 8.13 -19.04 13.43
O2 SO4 E . 10.26 -19.09 14.41
O3 SO4 E . 8.44 -18.19 15.60
O4 SO4 E . 8.56 -20.51 15.22
S SO4 F . -16.41 -1.94 -24.12
O1 SO4 F . -15.76 -2.71 -25.16
O2 SO4 F . -15.43 -1.06 -23.50
O3 SO4 F . -17.48 -1.16 -24.67
O4 SO4 F . -16.93 -2.85 -23.11
S SO4 G . -3.03 32.40 10.67
O1 SO4 G . -2.92 33.81 10.95
O2 SO4 G . -1.79 31.76 10.99
O3 SO4 G . -3.30 32.23 9.27
O4 SO4 G . -4.08 31.83 11.43
OAG LUH H . -2.74 5.83 1.08
PBC LUH H . -2.12 7.24 1.44
OAH LUH H . -2.43 8.22 0.25
OAE LUH H . -0.67 7.18 1.79
OAT LUH H . -2.91 7.79 2.75
CAK LUH H . -4.33 7.82 2.79
CAX LUH H . -4.78 8.74 3.75
CAJ LUH H . -5.27 8.29 4.98
NAO LUH H . -5.74 9.20 5.92
CAW LUH H . -5.74 10.52 5.70
CAA LUH H . -6.23 11.38 6.70
CAY LUH H . -5.24 10.98 4.47
OAF LUH H . -5.21 12.31 4.22
CAZ LUH H . -4.79 10.11 3.48
CAI LUH H . -4.23 10.53 2.27
NAN LUH H . -4.81 11.31 1.34
OAS LUH H . -6.03 11.77 1.47
CAM LUH H . -6.28 12.50 0.26
CBB LUH H . -6.20 13.98 0.59
CAV LUH H . -6.48 14.72 -0.56
OAD LUH H . -5.67 14.76 -1.49
N LUH H . -7.65 15.45 -0.71
NAQ LUH H . -7.15 14.22 1.69
C LUH H . -8.36 14.90 1.53
O LUH H . -9.10 14.99 2.50
CA LUH H . -8.73 15.48 0.31
CB LUH H . -9.93 14.73 -0.19
OAR LUH H . -9.43 13.58 -0.87
NAB LUH H . -10.33 12.59 -1.39
S SO4 I . -13.06 18.26 -12.82
O1 SO4 I . -11.94 18.80 -13.53
O2 SO4 I . -12.77 18.22 -11.42
O3 SO4 I . -14.22 19.11 -13.04
O4 SO4 I . -13.36 16.94 -13.29
S SO4 J . 11.11 21.41 -23.53
O1 SO4 J . 11.84 20.82 -24.62
O2 SO4 J . 12.02 21.65 -22.43
O3 SO4 J . 10.52 22.65 -23.95
O4 SO4 J . 10.08 20.51 -23.11
#